data_5U4R
#
_entry.id   5U4R
#
_cell.length_a   77.553
_cell.length_b   84.131
_cell.length_c   79.273
_cell.angle_alpha   90.000
_cell.angle_beta   111.800
_cell.angle_gamma   90.000
#
_symmetry.space_group_name_H-M   'P 1 21 1'
#
loop_
_entity.id
_entity.type
_entity.pdbx_description
1 polymer 'VRC 315 53-1A09 Fab Heavy chain'
2 polymer 'VRC 315 53-1A09 Fab Light chain'
3 water water
#
loop_
_entity_poly.entity_id
_entity_poly.type
_entity_poly.pdbx_seq_one_letter_code
_entity_poly.pdbx_strand_id
1 'polypeptide(L)'
;EVQLVESGGGLVKPGGSLRLSCEVSGFTFSDYHATWLRQAPGKGLEWISYISGSGSTTYYADAVKGRFTISRDNAKNSVY
LEMSSLRDEDTAVYYCARTRLGDIVQAPGVIGYYYGMDVWGQGTTVTVSSASTKGPSVFPLAPSSKSTSGGTAALGCLVK
DYFPEPVTVSWNSGALTSGVHTFPAVLQSSGLYSLSSVVTVPSSSLGTQTYICNVNHKPSNTKVDKKVEPKSCDK
;
A,H
2 'polypeptide(L)'
;DIQMTQSPSSLSASVGDRVTITCRASQRIRNYLNWYQQKPGRAPKLLIYTASKLQGGVPSRFSGSGSGTDFTLTINSLQP
EDFATYYCQQSHETPLTFGQGTKIEVRRTVAAPSVFIFPPSDEQLKSGTASVVCLLNNFYPREAKVQWKVDNALQSGNSQ
ESVTEQDSKDSTYSLSSTLTLSKADYEKHKVYACEVTHQGLSSPVTKSFNRGEC
;
B,L
#
# COMPACT_ATOMS: atom_id res chain seq x y z
N GLU A 1 0.99 37.28 -29.22
CA GLU A 1 0.94 35.87 -28.74
C GLU A 1 2.19 35.11 -29.16
N VAL A 2 2.84 34.47 -28.19
CA VAL A 2 4.09 33.77 -28.40
C VAL A 2 3.85 32.26 -28.48
N GLN A 3 4.81 31.56 -29.08
CA GLN A 3 4.75 30.11 -29.19
C GLN A 3 6.13 29.54 -28.91
N LEU A 4 6.16 28.42 -28.19
CA LEU A 4 7.40 27.69 -27.90
C LEU A 4 7.15 26.22 -28.19
N VAL A 5 8.01 25.61 -29.00
CA VAL A 5 7.78 24.24 -29.49
C VAL A 5 9.07 23.44 -29.40
N GLU A 6 9.04 22.34 -28.63
CA GLU A 6 10.15 21.41 -28.58
C GLU A 6 10.01 20.34 -29.64
N SER A 7 11.15 19.80 -30.09
CA SER A 7 11.15 18.69 -31.02
C SER A 7 12.42 17.88 -30.80
N GLY A 8 12.46 16.71 -31.42
CA GLY A 8 13.63 15.84 -31.37
C GLY A 8 13.47 14.61 -30.51
N GLY A 9 12.40 14.50 -29.72
CA GLY A 9 12.22 13.33 -28.90
C GLY A 9 12.02 12.07 -29.74
N GLY A 10 12.40 10.94 -29.18
CA GLY A 10 12.21 9.68 -29.86
C GLY A 10 12.68 8.53 -29.00
N LEU A 11 12.81 7.37 -29.64
CA LEU A 11 13.23 6.14 -28.97
C LEU A 11 14.73 5.97 -29.12
N VAL A 12 15.39 5.61 -28.02
CA VAL A 12 16.85 5.49 -27.97
C VAL A 12 17.21 4.25 -27.17
N LYS A 13 18.27 3.56 -27.60
CA LYS A 13 18.80 2.46 -26.82
C LYS A 13 19.65 2.99 -25.66
N PRO A 14 19.74 2.24 -24.56
CA PRO A 14 20.61 2.69 -23.46
C PRO A 14 22.02 2.93 -23.97
N GLY A 15 22.61 4.05 -23.53
CA GLY A 15 23.91 4.46 -23.99
C GLY A 15 23.90 5.34 -25.22
N GLY A 16 22.74 5.55 -25.84
CA GLY A 16 22.66 6.33 -27.05
C GLY A 16 22.60 7.82 -26.79
N SER A 17 22.44 8.57 -27.89
CA SER A 17 22.45 10.02 -27.85
C SER A 17 21.22 10.57 -28.55
N LEU A 18 20.88 11.81 -28.24
CA LEU A 18 19.72 12.47 -28.82
C LEU A 18 19.87 13.98 -28.65
N ARG A 19 19.36 14.73 -29.62
CA ARG A 19 19.41 16.19 -29.60
C ARG A 19 18.00 16.75 -29.65
N LEU A 20 17.65 17.55 -28.64
CA LEU A 20 16.37 18.23 -28.59
C LEU A 20 16.53 19.70 -29.02
N SER A 21 15.50 20.22 -29.68
CA SER A 21 15.48 21.60 -30.14
C SER A 21 14.26 22.31 -29.56
N CYS A 22 14.42 23.62 -29.33
CA CYS A 22 13.35 24.46 -28.80
C CYS A 22 13.28 25.72 -29.66
N GLU A 23 12.21 25.85 -30.44
CA GLU A 23 12.05 26.95 -31.38
C GLU A 23 10.85 27.80 -30.98
N VAL A 24 10.99 29.11 -31.12
CA VAL A 24 9.97 30.05 -30.65
C VAL A 24 9.54 30.96 -31.79
N SER A 25 8.33 31.50 -31.66
CA SER A 25 7.80 32.48 -32.59
C SER A 25 7.11 33.58 -31.78
N GLY A 26 7.19 34.81 -32.28
CA GLY A 26 6.54 35.93 -31.65
C GLY A 26 7.41 36.76 -30.73
N PHE A 27 8.67 36.38 -30.54
CA PHE A 27 9.59 37.15 -29.71
C PHE A 27 11.00 36.68 -30.02
N THR A 28 11.96 37.44 -29.52
CA THR A 28 13.38 37.14 -29.68
C THR A 28 13.83 36.33 -28.48
N PHE A 29 14.18 35.06 -28.73
CA PHE A 29 14.52 34.14 -27.64
C PHE A 29 15.72 34.65 -26.85
N SER A 30 16.67 35.31 -27.52
CA SER A 30 17.89 35.76 -26.86
C SER A 30 17.61 36.82 -25.80
N ASP A 31 16.44 37.45 -25.82
CA ASP A 31 16.04 38.37 -24.77
C ASP A 31 15.73 37.65 -23.46
N TYR A 32 15.70 36.32 -23.46
CA TYR A 32 15.27 35.54 -22.31
C TYR A 32 16.25 34.43 -22.01
N HIS A 33 16.46 34.17 -20.73
CA HIS A 33 17.14 32.95 -20.32
C HIS A 33 16.18 31.77 -20.48
N ALA A 34 16.74 30.56 -20.51
CA ALA A 34 15.96 29.38 -20.85
C ALA A 34 16.36 28.20 -19.98
N THR A 35 15.44 27.24 -19.87
CA THR A 35 15.66 26.04 -19.08
C THR A 35 15.10 24.83 -19.81
N TRP A 36 15.63 23.66 -19.46
CA TRP A 36 15.03 22.38 -19.80
C TRP A 36 14.62 21.68 -18.51
N LEU A 37 13.45 21.08 -18.53
CA LEU A 37 12.96 20.27 -17.43
C LEU A 37 12.39 18.98 -18.00
N ARG A 38 12.04 18.05 -17.13
CA ARG A 38 11.47 16.80 -17.60
C ARG A 38 10.52 16.24 -16.54
N GLN A 39 9.64 15.35 -17.00
CA GLN A 39 8.63 14.73 -16.15
C GLN A 39 8.51 13.27 -16.56
N ALA A 40 9.01 12.37 -15.72
CA ALA A 40 8.90 10.95 -15.98
C ALA A 40 7.44 10.51 -15.82
N PRO A 41 7.05 9.40 -16.45
CA PRO A 41 5.64 8.98 -16.37
C PRO A 41 5.11 8.86 -14.95
N GLY A 42 4.02 9.58 -14.67
CA GLY A 42 3.39 9.53 -13.36
C GLY A 42 4.16 10.17 -12.23
N LYS A 43 5.26 10.86 -12.53
CA LYS A 43 6.10 11.48 -11.50
C LYS A 43 6.02 13.00 -11.60
N GLY A 44 6.79 13.68 -10.76
CA GLY A 44 6.76 15.12 -10.67
C GLY A 44 7.71 15.80 -11.65
N LEU A 45 7.84 17.11 -11.48
CA LEU A 45 8.66 17.94 -12.35
C LEU A 45 10.10 17.97 -11.84
N GLU A 46 11.05 17.84 -12.77
CA GLU A 46 12.48 17.82 -12.45
C GLU A 46 13.20 18.82 -13.33
N TRP A 47 13.88 19.78 -12.71
CA TRP A 47 14.71 20.72 -13.46
C TRP A 47 16.00 20.04 -13.90
N ILE A 48 16.44 20.35 -15.13
CA ILE A 48 17.57 19.67 -15.77
C ILE A 48 18.71 20.63 -16.08
N SER A 49 18.40 21.77 -16.69
CA SER A 49 19.48 22.63 -17.17
C SER A 49 18.96 24.05 -17.37
N TYR A 50 19.90 25.00 -17.30
CA TYR A 50 19.64 26.42 -17.47
C TYR A 50 20.71 27.02 -18.38
N ILE A 51 20.31 28.00 -19.18
CA ILE A 51 21.25 28.74 -20.02
C ILE A 51 20.82 30.20 -20.08
N SER A 52 21.78 31.11 -19.92
CA SER A 52 21.47 32.52 -19.96
C SER A 52 21.18 32.95 -21.40
N GLY A 53 20.55 34.12 -21.52
CA GLY A 53 20.19 34.62 -22.84
C GLY A 53 21.38 34.72 -23.77
N SER A 54 22.51 35.16 -23.25
CA SER A 54 23.73 35.27 -24.05
C SER A 54 24.40 33.93 -24.30
N GLY A 55 24.07 32.91 -23.51
CA GLY A 55 24.72 31.62 -23.61
C GLY A 55 25.98 31.46 -22.77
N SER A 56 26.41 32.48 -22.03
CA SER A 56 27.65 32.42 -21.29
C SER A 56 27.53 31.67 -19.97
N THR A 57 26.32 31.56 -19.43
CA THR A 57 26.09 30.87 -18.17
C THR A 57 25.25 29.63 -18.41
N THR A 58 25.69 28.50 -17.84
CA THR A 58 24.92 27.27 -17.89
C THR A 58 25.01 26.56 -16.55
N TYR A 59 23.90 25.95 -16.14
CA TYR A 59 23.86 25.13 -14.93
C TYR A 59 23.16 23.81 -15.25
N TYR A 60 23.48 22.79 -14.46
CA TYR A 60 22.96 21.45 -14.71
C TYR A 60 22.60 20.79 -13.39
N ALA A 61 21.55 19.97 -13.43
CA ALA A 61 21.26 19.08 -12.32
C ALA A 61 22.32 17.97 -12.27
N ASP A 62 22.65 17.54 -11.05
CA ASP A 62 23.64 16.48 -10.89
C ASP A 62 23.29 15.25 -11.72
N ALA A 63 21.99 14.96 -11.86
CA ALA A 63 21.57 13.74 -12.55
C ALA A 63 22.02 13.69 -14.00
N VAL A 64 22.33 14.83 -14.61
CA VAL A 64 22.69 14.89 -16.02
C VAL A 64 24.07 15.50 -16.24
N LYS A 65 24.76 15.90 -15.18
CA LYS A 65 26.05 16.55 -15.34
C LYS A 65 27.04 15.62 -16.02
N GLY A 66 27.78 16.17 -16.99
CA GLY A 66 28.73 15.38 -17.74
C GLY A 66 28.14 14.58 -18.88
N ARG A 67 26.81 14.48 -18.96
CA ARG A 67 26.14 13.74 -20.02
C ARG A 67 25.33 14.63 -20.94
N PHE A 68 24.67 15.66 -20.40
CA PHE A 68 23.87 16.58 -21.19
C PHE A 68 24.59 17.91 -21.36
N THR A 69 24.35 18.56 -22.50
CA THR A 69 24.90 19.88 -22.77
C THR A 69 23.78 20.77 -23.30
N ILE A 70 23.55 21.88 -22.64
CA ILE A 70 22.57 22.88 -23.10
C ILE A 70 23.30 23.92 -23.93
N SER A 71 22.64 24.40 -24.98
CA SER A 71 23.22 25.41 -25.86
C SER A 71 22.10 26.20 -26.50
N ARG A 72 22.48 27.26 -27.21
CA ARG A 72 21.50 28.06 -27.92
C ARG A 72 22.14 28.72 -29.13
N ASP A 73 21.30 29.11 -30.08
CA ASP A 73 21.71 29.80 -31.30
C ASP A 73 20.77 30.99 -31.44
N ASN A 74 21.25 32.19 -31.11
CA ASN A 74 20.37 33.35 -31.07
C ASN A 74 19.95 33.79 -32.47
N ALA A 75 20.77 33.52 -33.48
CA ALA A 75 20.36 33.83 -34.85
C ALA A 75 19.20 32.94 -35.28
N LYS A 76 19.23 31.67 -34.89
CA LYS A 76 18.16 30.72 -35.22
C LYS A 76 17.04 30.75 -34.19
N ASN A 77 17.10 31.65 -33.21
CA ASN A 77 16.01 31.85 -32.25
C ASN A 77 15.65 30.54 -31.55
N SER A 78 16.67 29.77 -31.18
CA SER A 78 16.46 28.41 -30.69
C SER A 78 17.35 28.12 -29.49
N VAL A 79 16.93 27.13 -28.71
CA VAL A 79 17.70 26.56 -27.61
C VAL A 79 17.73 25.05 -27.81
N TYR A 80 18.82 24.41 -27.37
CA TYR A 80 19.05 23.00 -27.63
C TYR A 80 19.49 22.27 -26.37
N LEU A 81 19.23 20.96 -26.34
CA LEU A 81 19.73 20.07 -25.31
C LEU A 81 20.33 18.83 -25.97
N GLU A 82 21.64 18.66 -25.86
CA GLU A 82 22.33 17.48 -26.36
C GLU A 82 22.43 16.46 -25.24
N MET A 83 21.94 15.24 -25.49
CA MET A 83 21.92 14.18 -24.50
C MET A 83 22.80 13.03 -24.97
N SER A 84 23.60 12.49 -24.05
CA SER A 84 24.48 11.36 -24.34
C SER A 84 24.46 10.41 -23.15
N SER A 85 24.98 9.20 -23.37
CA SER A 85 25.04 8.17 -22.35
C SER A 85 23.68 8.02 -21.67
N LEU A 86 22.63 7.97 -22.49
CA LEU A 86 21.27 7.95 -21.99
C LEU A 86 21.00 6.64 -21.25
N ARG A 87 20.14 6.74 -20.23
CA ARG A 87 19.78 5.61 -19.39
C ARG A 87 18.26 5.46 -19.38
N ASP A 88 17.80 4.26 -19.05
CA ASP A 88 16.36 4.02 -18.97
C ASP A 88 15.66 5.06 -18.13
N GLU A 89 16.27 5.44 -17.00
CA GLU A 89 15.63 6.39 -16.10
C GLU A 89 15.59 7.81 -16.65
N ASP A 90 16.20 8.05 -17.81
CA ASP A 90 16.07 9.32 -18.51
C ASP A 90 14.78 9.41 -19.31
N THR A 91 13.99 8.34 -19.36
CA THR A 91 12.71 8.36 -20.05
C THR A 91 11.80 9.39 -19.40
N ALA A 92 11.26 10.30 -20.21
CA ALA A 92 10.40 11.36 -19.68
C ALA A 92 9.92 12.23 -20.84
N VAL A 93 8.92 13.06 -20.53
CA VAL A 93 8.60 14.21 -21.37
C VAL A 93 9.56 15.34 -21.02
N TYR A 94 10.22 15.89 -22.03
CA TYR A 94 11.18 16.96 -21.85
C TYR A 94 10.55 18.29 -22.23
N TYR A 95 10.61 19.25 -21.32
CA TYR A 95 10.03 20.58 -21.51
C TYR A 95 11.12 21.62 -21.66
N CYS A 96 10.95 22.50 -22.62
CA CYS A 96 11.71 23.73 -22.73
C CYS A 96 10.85 24.85 -22.16
N ALA A 97 11.46 25.71 -21.36
CA ALA A 97 10.71 26.76 -20.70
C ALA A 97 11.54 28.02 -20.64
N ARG A 98 10.91 29.14 -20.94
CA ARG A 98 11.53 30.44 -20.87
C ARG A 98 11.42 30.97 -19.44
N THR A 99 12.48 31.61 -18.94
CA THR A 99 12.42 32.21 -17.63
C THR A 99 11.77 33.58 -17.74
N ARG A 100 10.95 33.92 -16.75
CA ARG A 100 10.23 35.18 -16.76
C ARG A 100 11.20 36.34 -16.52
N LEU A 101 10.97 37.44 -17.24
CA LEU A 101 11.72 38.65 -17.01
C LEU A 101 11.23 39.36 -15.75
N GLY A 102 12.09 40.19 -15.18
CA GLY A 102 11.68 41.02 -14.07
C GLY A 102 10.71 42.10 -14.51
N ASP A 103 9.86 42.54 -13.57
CA ASP A 103 8.84 43.54 -13.92
C ASP A 103 9.46 44.92 -14.11
N ILE A 104 10.43 45.28 -13.28
CA ILE A 104 11.07 46.59 -13.36
C ILE A 104 12.55 46.42 -13.64
N VAL A 105 13.26 45.78 -12.73
CA VAL A 105 14.70 45.59 -12.85
C VAL A 105 14.97 44.15 -13.30
N GLN A 106 15.96 44.00 -14.17
CA GLN A 106 16.21 42.72 -14.83
C GLN A 106 17.20 41.88 -14.03
N ALA A 107 16.96 40.56 -14.05
CA ALA A 107 17.84 39.63 -13.37
C ALA A 107 19.02 39.29 -14.28
N PRO A 108 20.27 39.45 -13.81
CA PRO A 108 21.42 39.12 -14.66
C PRO A 108 21.46 37.63 -15.01
N GLY A 109 22.31 37.31 -15.99
CA GLY A 109 22.34 35.96 -16.52
C GLY A 109 22.70 34.93 -15.47
N VAL A 110 23.58 35.28 -14.52
CA VAL A 110 24.02 34.30 -13.55
C VAL A 110 22.90 33.89 -12.59
N ILE A 111 21.85 34.69 -12.47
CA ILE A 111 20.72 34.39 -11.59
C ILE A 111 19.42 34.65 -12.34
N GLY A 112 19.41 34.37 -13.64
CA GLY A 112 18.27 34.73 -14.47
C GLY A 112 17.02 33.94 -14.24
N TYR A 113 17.04 32.96 -13.35
CA TYR A 113 15.90 32.09 -13.09
C TYR A 113 15.08 32.55 -11.91
N TYR A 114 15.39 33.72 -11.32
CA TYR A 114 14.81 34.11 -10.05
C TYR A 114 13.28 34.17 -10.09
N TYR A 115 12.70 34.49 -11.26
CA TYR A 115 11.28 34.84 -11.32
C TYR A 115 10.43 33.74 -11.96
N GLY A 116 10.94 32.52 -12.02
CA GLY A 116 10.16 31.40 -12.52
C GLY A 116 10.18 31.30 -14.03
N MET A 117 9.39 30.36 -14.54
CA MET A 117 9.29 30.08 -15.97
C MET A 117 7.86 30.38 -16.42
N ASP A 118 7.71 31.40 -17.29
CA ASP A 118 6.38 31.90 -17.65
C ASP A 118 5.84 31.34 -18.96
N VAL A 119 6.69 30.76 -19.82
CA VAL A 119 6.23 30.16 -21.06
C VAL A 119 6.88 28.79 -21.20
N TRP A 120 6.07 27.76 -21.37
CA TRP A 120 6.51 26.39 -21.53
C TRP A 120 6.04 25.85 -22.87
N GLY A 121 6.80 24.91 -23.41
CA GLY A 121 6.33 24.15 -24.56
C GLY A 121 5.47 22.98 -24.11
N GLN A 122 4.81 22.34 -25.08
CA GLN A 122 4.01 21.18 -24.71
C GLN A 122 4.83 19.92 -24.54
N GLY A 123 6.13 19.97 -24.81
CA GLY A 123 7.01 18.88 -24.46
C GLY A 123 7.27 17.94 -25.62
N THR A 124 8.38 17.19 -25.50
CA THR A 124 8.73 16.16 -26.45
C THR A 124 9.20 14.93 -25.69
N THR A 125 8.72 13.76 -26.11
CA THR A 125 8.89 12.54 -25.34
C THR A 125 10.16 11.80 -25.76
N VAL A 126 10.96 11.44 -24.76
CA VAL A 126 12.17 10.64 -24.94
C VAL A 126 11.97 9.32 -24.21
N THR A 127 12.17 8.21 -24.91
CA THR A 127 12.05 6.88 -24.34
C THR A 127 13.37 6.15 -24.53
N VAL A 128 14.00 5.76 -23.42
CA VAL A 128 15.24 5.01 -23.42
C VAL A 128 14.93 3.59 -22.96
N SER A 129 15.18 2.62 -23.83
CA SER A 129 14.84 1.24 -23.55
C SER A 129 15.56 0.32 -24.53
N SER A 130 15.83 -0.91 -24.08
CA SER A 130 16.37 -1.94 -24.95
C SER A 130 15.29 -2.68 -25.74
N ALA A 131 14.02 -2.43 -25.45
CA ALA A 131 12.95 -3.13 -26.13
C ALA A 131 12.88 -2.72 -27.60
N SER A 132 12.39 -3.63 -28.43
CA SER A 132 12.18 -3.37 -29.85
C SER A 132 10.71 -3.03 -30.10
N THR A 133 10.48 -2.19 -31.11
CA THR A 133 9.11 -1.83 -31.47
C THR A 133 8.32 -3.09 -31.79
N LYS A 134 7.13 -3.20 -31.19
CA LYS A 134 6.33 -4.41 -31.28
C LYS A 134 4.87 -4.05 -31.12
N GLY A 135 4.01 -4.60 -31.97
CA GLY A 135 2.60 -4.36 -31.89
C GLY A 135 1.94 -5.17 -30.79
N PRO A 136 0.76 -4.76 -30.35
CA PRO A 136 0.10 -5.44 -29.24
C PRO A 136 -0.62 -6.70 -29.66
N SER A 137 -0.77 -7.61 -28.70
CA SER A 137 -1.75 -8.67 -28.79
C SER A 137 -3.02 -8.25 -28.05
N VAL A 138 -4.17 -8.51 -28.65
CA VAL A 138 -5.45 -8.07 -28.10
C VAL A 138 -6.28 -9.30 -27.77
N PHE A 139 -6.70 -9.39 -26.50
CA PHE A 139 -7.47 -10.52 -26.01
C PHE A 139 -8.79 -10.07 -25.40
N PRO A 140 -9.87 -10.84 -25.56
CA PRO A 140 -11.17 -10.42 -25.02
C PRO A 140 -11.27 -10.60 -23.52
N LEU A 141 -11.89 -9.62 -22.86
CA LEU A 141 -12.36 -9.76 -21.50
C LEU A 141 -13.87 -10.00 -21.58
N ALA A 142 -14.25 -11.29 -21.62
CA ALA A 142 -15.60 -11.66 -22.02
C ALA A 142 -16.59 -11.38 -20.88
N PRO A 143 -17.81 -10.95 -21.21
CA PRO A 143 -18.80 -10.71 -20.15
C PRO A 143 -19.22 -12.00 -19.47
N SER A 144 -19.35 -11.93 -18.15
CA SER A 144 -19.62 -13.13 -17.35
C SER A 144 -20.99 -13.70 -17.66
N SER A 145 -21.09 -15.02 -17.64
CA SER A 145 -22.39 -15.68 -17.77
C SER A 145 -23.30 -15.40 -16.60
N LYS A 146 -22.75 -14.97 -15.46
CA LYS A 146 -23.54 -14.63 -14.28
C LYS A 146 -24.05 -13.20 -14.31
N SER A 147 -23.90 -12.50 -15.44
CA SER A 147 -24.39 -11.12 -15.55
C SER A 147 -25.86 -11.05 -15.16
N THR A 148 -26.18 -10.12 -14.26
CA THR A 148 -27.54 -10.02 -13.73
C THR A 148 -28.54 -9.75 -14.84
N SER A 149 -29.63 -10.50 -14.85
CA SER A 149 -30.69 -10.28 -15.83
C SER A 149 -31.29 -8.90 -15.62
N GLY A 150 -31.47 -8.17 -16.72
CA GLY A 150 -31.94 -6.79 -16.61
C GLY A 150 -31.00 -5.89 -15.85
N GLY A 151 -29.74 -6.29 -15.68
CA GLY A 151 -28.77 -5.51 -14.95
C GLY A 151 -27.65 -4.98 -15.82
N THR A 152 -26.47 -4.78 -15.23
CA THR A 152 -25.31 -4.22 -15.92
C THR A 152 -24.22 -5.27 -16.04
N ALA A 153 -23.65 -5.39 -17.23
CA ALA A 153 -22.55 -6.30 -17.49
C ALA A 153 -21.30 -5.51 -17.84
N ALA A 154 -20.15 -6.13 -17.63
CA ALA A 154 -18.86 -5.53 -17.97
C ALA A 154 -18.12 -6.42 -18.96
N LEU A 155 -17.42 -5.79 -19.89
CA LEU A 155 -16.57 -6.50 -20.83
C LEU A 155 -15.44 -5.57 -21.24
N GLY A 156 -14.46 -6.11 -21.96
CA GLY A 156 -13.34 -5.28 -22.34
C GLY A 156 -12.36 -6.03 -23.22
N CYS A 157 -11.21 -5.40 -23.41
CA CYS A 157 -10.10 -5.95 -24.18
C CYS A 157 -8.81 -5.74 -23.42
N LEU A 158 -7.98 -6.78 -23.40
CA LEU A 158 -6.64 -6.71 -22.83
C LEU A 158 -5.66 -6.47 -23.97
N VAL A 159 -4.93 -5.36 -23.90
CA VAL A 159 -3.99 -4.94 -24.95
C VAL A 159 -2.59 -5.17 -24.39
N LYS A 160 -1.94 -6.26 -24.78
CA LYS A 160 -0.76 -6.73 -24.08
C LYS A 160 0.47 -6.75 -24.98
N ASP A 161 1.62 -6.43 -24.38
CA ASP A 161 2.94 -6.67 -24.97
C ASP A 161 3.18 -5.85 -26.22
N TYR A 162 3.08 -4.53 -26.10
CA TYR A 162 3.43 -3.62 -27.18
C TYR A 162 4.53 -2.67 -26.72
N PHE A 163 5.22 -2.11 -27.70
CA PHE A 163 6.26 -1.14 -27.41
C PHE A 163 6.57 -0.32 -28.68
N PRO A 164 6.79 1.00 -28.53
CA PRO A 164 6.65 1.83 -27.33
C PRO A 164 5.23 2.36 -27.18
N GLU A 165 5.01 3.22 -26.20
CA GLU A 165 3.76 3.97 -26.10
C GLU A 165 3.63 4.90 -27.30
N PRO A 166 2.39 5.29 -27.65
CA PRO A 166 1.10 4.93 -27.06
C PRO A 166 0.27 3.99 -27.93
N VAL A 167 -0.80 3.45 -27.37
CA VAL A 167 -1.88 2.84 -28.13
C VAL A 167 -3.14 3.64 -27.86
N THR A 168 -4.06 3.61 -28.81
CA THR A 168 -5.38 4.17 -28.64
C THR A 168 -6.40 3.05 -28.77
N VAL A 169 -7.52 3.19 -28.06
CA VAL A 169 -8.58 2.20 -28.07
C VAL A 169 -9.91 2.91 -28.23
N SER A 170 -10.74 2.40 -29.14
CA SER A 170 -12.13 2.81 -29.25
C SER A 170 -13.00 1.56 -29.16
N TRP A 171 -14.30 1.78 -29.05
CA TRP A 171 -15.26 0.69 -29.01
C TRP A 171 -16.32 0.89 -30.08
N ASN A 172 -16.63 -0.17 -30.82
CA ASN A 172 -17.60 -0.13 -31.90
C ASN A 172 -17.33 1.04 -32.84
N SER A 173 -16.04 1.24 -33.13
CA SER A 173 -15.60 2.24 -34.09
C SER A 173 -16.10 3.64 -33.72
N GLY A 174 -16.22 3.91 -32.42
CA GLY A 174 -16.62 5.20 -31.91
C GLY A 174 -18.09 5.30 -31.55
N ALA A 175 -18.89 4.28 -31.85
CA ALA A 175 -20.31 4.32 -31.51
C ALA A 175 -20.55 4.06 -30.03
N LEU A 176 -19.57 3.51 -29.33
CA LEU A 176 -19.69 3.23 -27.90
C LEU A 176 -18.62 4.02 -27.17
N THR A 177 -19.04 5.05 -26.44
CA THR A 177 -18.15 5.89 -25.67
C THR A 177 -18.55 6.01 -24.22
N SER A 178 -19.85 6.01 -23.93
CA SER A 178 -20.32 6.11 -22.55
C SER A 178 -19.93 4.84 -21.79
N GLY A 179 -19.39 5.02 -20.59
CA GLY A 179 -19.04 3.91 -19.73
C GLY A 179 -17.71 3.26 -20.03
N VAL A 180 -16.96 3.78 -21.00
CA VAL A 180 -15.66 3.21 -21.36
C VAL A 180 -14.61 3.72 -20.38
N HIS A 181 -13.75 2.82 -19.93
CA HIS A 181 -12.57 3.18 -19.15
C HIS A 181 -11.37 2.51 -19.80
N THR A 182 -10.47 3.32 -20.36
CA THR A 182 -9.21 2.82 -20.90
C THR A 182 -8.12 3.18 -19.91
N PHE A 183 -7.52 2.17 -19.30
CA PHE A 183 -6.62 2.42 -18.20
C PHE A 183 -5.25 2.89 -18.70
N PRO A 184 -4.53 3.66 -17.90
CA PRO A 184 -3.13 3.97 -18.25
C PRO A 184 -2.32 2.69 -18.38
N ALA A 185 -1.35 2.72 -19.29
CA ALA A 185 -0.50 1.56 -19.51
C ALA A 185 0.39 1.32 -18.30
N VAL A 186 0.74 0.05 -18.09
CA VAL A 186 1.74 -0.33 -17.09
C VAL A 186 2.92 -0.93 -17.84
N LEU A 187 4.12 -0.62 -17.37
CA LEU A 187 5.33 -1.18 -17.94
C LEU A 187 5.65 -2.49 -17.22
N GLN A 188 5.68 -3.59 -17.98
CA GLN A 188 5.92 -4.90 -17.42
C GLN A 188 7.42 -5.14 -17.29
N SER A 189 7.76 -6.16 -16.49
CA SER A 189 9.16 -6.50 -16.30
C SER A 189 9.84 -6.90 -17.61
N SER A 190 9.07 -7.34 -18.60
CA SER A 190 9.62 -7.66 -19.91
C SER A 190 10.08 -6.43 -20.68
N GLY A 191 9.77 -5.23 -20.21
CA GLY A 191 10.03 -4.03 -20.97
C GLY A 191 8.94 -3.68 -21.97
N LEU A 192 7.86 -4.45 -22.01
CA LEU A 192 6.74 -4.18 -22.89
C LEU A 192 5.56 -3.65 -22.08
N TYR A 193 4.69 -2.89 -22.74
CA TYR A 193 3.54 -2.29 -22.09
C TYR A 193 2.30 -3.15 -22.22
N SER A 194 1.35 -2.92 -21.32
CA SER A 194 0.06 -3.58 -21.37
C SER A 194 -0.99 -2.63 -20.78
N LEU A 195 -2.21 -2.74 -21.30
CA LEU A 195 -3.33 -2.03 -20.70
C LEU A 195 -4.60 -2.78 -21.03
N SER A 196 -5.66 -2.44 -20.30
CA SER A 196 -6.99 -2.96 -20.57
C SER A 196 -7.93 -1.80 -20.83
N SER A 197 -8.93 -2.06 -21.67
CA SER A 197 -10.03 -1.14 -21.87
C SER A 197 -11.31 -1.90 -21.56
N VAL A 198 -12.18 -1.30 -20.75
CA VAL A 198 -13.40 -1.95 -20.32
C VAL A 198 -14.57 -1.00 -20.60
N VAL A 199 -15.76 -1.58 -20.61
CA VAL A 199 -17.00 -0.82 -20.77
C VAL A 199 -18.12 -1.60 -20.10
N THR A 200 -19.05 -0.88 -19.48
CA THR A 200 -20.25 -1.49 -18.91
C THR A 200 -21.42 -1.23 -19.82
N VAL A 201 -22.25 -2.25 -20.03
CA VAL A 201 -23.37 -2.19 -20.96
C VAL A 201 -24.57 -2.90 -20.33
N PRO A 202 -25.77 -2.71 -20.86
CA PRO A 202 -26.93 -3.46 -20.35
C PRO A 202 -26.76 -4.96 -20.59
N SER A 203 -27.05 -5.75 -19.56
CA SER A 203 -26.96 -7.20 -19.68
C SER A 203 -27.86 -7.72 -20.80
N SER A 204 -29.02 -7.08 -21.00
CA SER A 204 -29.95 -7.51 -22.03
C SER A 204 -29.40 -7.34 -23.45
N SER A 205 -28.35 -6.54 -23.62
CA SER A 205 -27.79 -6.30 -24.94
C SER A 205 -26.75 -7.34 -25.35
N LEU A 206 -26.29 -8.18 -24.42
CA LEU A 206 -25.19 -9.09 -24.73
C LEU A 206 -25.57 -10.08 -25.81
N GLY A 207 -26.84 -10.46 -25.90
CA GLY A 207 -27.26 -11.41 -26.92
C GLY A 207 -27.37 -10.81 -28.29
N THR A 208 -27.64 -9.51 -28.38
CA THR A 208 -27.97 -8.85 -29.65
C THR A 208 -26.88 -7.91 -30.15
N GLN A 209 -26.30 -7.09 -29.28
CA GLN A 209 -25.35 -6.05 -29.70
C GLN A 209 -23.94 -6.62 -29.79
N THR A 210 -23.31 -6.43 -30.94
CA THR A 210 -21.91 -6.81 -31.10
C THR A 210 -21.01 -5.74 -30.50
N TYR A 211 -19.97 -6.20 -29.79
CA TYR A 211 -19.01 -5.31 -29.15
C TYR A 211 -17.62 -5.62 -29.68
N ILE A 212 -16.95 -4.60 -30.21
CA ILE A 212 -15.63 -4.72 -30.80
C ILE A 212 -14.76 -3.58 -30.29
N CYS A 213 -13.55 -3.92 -29.81
CA CYS A 213 -12.57 -2.90 -29.45
C CYS A 213 -11.62 -2.69 -30.62
N ASN A 214 -11.34 -1.44 -30.93
CA ASN A 214 -10.47 -1.04 -32.04
C ASN A 214 -9.17 -0.50 -31.44
N VAL A 215 -8.07 -1.20 -31.69
CA VAL A 215 -6.77 -0.84 -31.12
C VAL A 215 -5.87 -0.33 -32.23
N ASN A 216 -5.23 0.81 -31.99
CA ASN A 216 -4.28 1.39 -32.94
C ASN A 216 -2.95 1.62 -32.24
N HIS A 217 -1.88 1.09 -32.82
CA HIS A 217 -0.52 1.28 -32.33
C HIS A 217 0.30 1.84 -33.50
N LYS A 218 0.33 3.16 -33.60
CA LYS A 218 0.98 3.81 -34.73
C LYS A 218 2.46 3.49 -34.84
N PRO A 219 3.23 3.40 -33.75
CA PRO A 219 4.67 3.13 -33.90
C PRO A 219 4.97 1.87 -34.70
N SER A 220 4.10 0.86 -34.65
CA SER A 220 4.29 -0.36 -35.42
C SER A 220 3.32 -0.46 -36.60
N ASN A 221 2.58 0.62 -36.87
CA ASN A 221 1.57 0.65 -37.93
C ASN A 221 0.65 -0.58 -37.82
N THR A 222 0.20 -0.84 -36.61
CA THR A 222 -0.66 -1.98 -36.31
C THR A 222 -2.04 -1.49 -35.89
N LYS A 223 -3.06 -2.00 -36.55
CA LYS A 223 -4.45 -1.85 -36.16
C LYS A 223 -5.05 -3.22 -35.94
N VAL A 224 -5.76 -3.38 -34.83
CA VAL A 224 -6.39 -4.64 -34.45
C VAL A 224 -7.83 -4.36 -34.05
N ASP A 225 -8.75 -5.18 -34.55
CA ASP A 225 -10.16 -5.15 -34.15
C ASP A 225 -10.52 -6.50 -33.53
N LYS A 226 -10.96 -6.48 -32.28
CA LYS A 226 -11.26 -7.71 -31.55
C LYS A 226 -12.72 -7.71 -31.09
N LYS A 227 -13.48 -8.70 -31.56
CA LYS A 227 -14.84 -8.91 -31.10
C LYS A 227 -14.82 -9.55 -29.70
N VAL A 228 -15.59 -8.97 -28.79
CA VAL A 228 -15.71 -9.48 -27.43
C VAL A 228 -17.14 -9.97 -27.25
N GLU A 229 -17.30 -11.27 -27.02
CA GLU A 229 -18.62 -11.88 -26.93
C GLU A 229 -18.64 -12.83 -25.75
N PRO A 230 -19.83 -13.21 -25.28
CA PRO A 230 -19.92 -14.23 -24.23
C PRO A 230 -19.27 -15.53 -24.70
N LYS A 231 -18.54 -16.18 -23.79
CA LYS A 231 -17.90 -17.44 -24.09
C LYS A 231 -18.93 -18.56 -24.10
N SER A 232 -18.89 -19.40 -25.13
CA SER A 232 -19.86 -20.49 -25.24
C SER A 232 -19.60 -21.56 -24.18
N ASP B 1 21.40 21.03 -1.65
CA ASP B 1 20.12 21.21 -2.39
C ASP B 1 18.99 21.58 -1.43
N ILE B 2 17.98 22.26 -1.94
CA ILE B 2 16.84 22.70 -1.14
C ILE B 2 15.67 21.76 -1.42
N GLN B 3 15.19 21.09 -0.38
CA GLN B 3 14.04 20.20 -0.50
C GLN B 3 12.77 20.99 -0.23
N MET B 4 11.78 20.83 -1.11
CA MET B 4 10.49 21.50 -1.01
C MET B 4 9.44 20.47 -0.61
N THR B 5 8.73 20.73 0.48
CA THR B 5 7.70 19.83 0.99
C THR B 5 6.34 20.51 0.88
N GLN B 6 5.45 19.93 0.08
CA GLN B 6 4.09 20.42 -0.05
C GLN B 6 3.15 19.61 0.81
N SER B 7 2.14 20.30 1.36
CA SER B 7 1.12 19.65 2.16
C SER B 7 -0.25 20.27 1.86
N PRO B 8 -1.29 19.44 1.71
CA PRO B 8 -1.29 17.98 1.66
C PRO B 8 -0.87 17.47 0.29
N SER B 9 -0.66 16.16 0.16
CA SER B 9 -0.36 15.59 -1.14
C SER B 9 -1.60 15.49 -2.02
N SER B 10 -2.78 15.32 -1.41
CA SER B 10 -4.04 15.28 -2.13
C SER B 10 -5.10 15.98 -1.30
N LEU B 11 -6.03 16.63 -1.99
CA LEU B 11 -7.06 17.41 -1.33
C LEU B 11 -8.38 17.23 -2.05
N SER B 12 -9.43 16.88 -1.31
CA SER B 12 -10.78 16.76 -1.85
C SER B 12 -11.53 18.03 -1.50
N ALA B 13 -12.19 18.61 -2.50
CA ALA B 13 -12.88 19.88 -2.30
C ALA B 13 -14.05 19.98 -3.28
N SER B 14 -14.91 20.96 -3.04
CA SER B 14 -16.07 21.22 -3.86
C SER B 14 -15.96 22.62 -4.49
N VAL B 15 -16.70 22.80 -5.59
CA VAL B 15 -16.78 24.11 -6.21
C VAL B 15 -17.24 25.12 -5.17
N GLY B 16 -16.61 26.29 -5.17
CA GLY B 16 -16.93 27.35 -4.23
C GLY B 16 -16.12 27.33 -2.95
N ASP B 17 -15.33 26.29 -2.71
CA ASP B 17 -14.53 26.22 -1.49
C ASP B 17 -13.31 27.14 -1.59
N ARG B 18 -12.85 27.60 -0.42
CA ARG B 18 -11.56 28.26 -0.30
C ARG B 18 -10.55 27.21 0.16
N VAL B 19 -9.51 27.01 -0.65
CA VAL B 19 -8.51 25.97 -0.43
C VAL B 19 -7.16 26.63 -0.21
N THR B 20 -6.39 26.12 0.75
CA THR B 20 -5.03 26.56 0.97
C THR B 20 -4.12 25.34 0.98
N ILE B 21 -2.98 25.47 0.30
CA ILE B 21 -1.96 24.43 0.30
C ILE B 21 -0.64 25.08 0.69
N THR B 22 0.21 24.32 1.37
CA THR B 22 1.42 24.86 1.97
C THR B 22 2.65 24.29 1.28
N CYS B 23 3.73 25.05 1.33
CA CYS B 23 5.01 24.66 0.76
C CYS B 23 6.10 25.09 1.73
N ARG B 24 6.87 24.12 2.23
CA ARG B 24 7.95 24.38 3.18
C ARG B 24 9.27 24.10 2.49
N ALA B 25 10.20 25.05 2.58
CA ALA B 25 11.55 24.88 2.05
C ALA B 25 12.48 24.44 3.16
N SER B 26 13.44 23.57 2.83
CA SER B 26 14.38 23.07 3.84
C SER B 26 15.39 24.13 4.27
N GLN B 27 15.54 25.20 3.50
CA GLN B 27 16.34 26.34 3.93
C GLN B 27 15.73 27.60 3.32
N ARG B 28 16.19 28.75 3.83
CA ARG B 28 15.58 30.02 3.45
C ARG B 28 15.80 30.30 1.96
N ILE B 29 14.75 30.80 1.30
CA ILE B 29 14.81 31.11 -0.13
C ILE B 29 14.28 32.51 -0.39
N ARG B 30 14.19 33.33 0.65
CA ARG B 30 13.68 34.70 0.52
C ARG B 30 12.25 34.62 0.00
N ASN B 31 11.88 35.37 -1.03
CA ASN B 31 10.55 35.32 -1.63
CA ASN B 31 10.54 35.30 -1.61
C ASN B 31 10.53 34.60 -2.97
N TYR B 32 11.63 33.92 -3.34
CA TYR B 32 11.78 33.34 -4.67
C TYR B 32 11.11 31.97 -4.71
N LEU B 33 9.78 32.00 -4.72
CA LEU B 33 8.97 30.79 -4.68
C LEU B 33 7.84 30.96 -5.68
N ASN B 34 7.71 30.00 -6.58
CA ASN B 34 6.75 30.08 -7.68
C ASN B 34 5.77 28.91 -7.58
N TRP B 35 4.55 29.14 -8.07
CA TRP B 35 3.51 28.13 -8.07
C TRP B 35 3.07 27.85 -9.51
N TYR B 36 2.89 26.57 -9.82
CA TYR B 36 2.48 26.13 -11.16
C TYR B 36 1.26 25.23 -11.05
N GLN B 37 0.43 25.29 -12.09
CA GLN B 37 -0.70 24.39 -12.27
C GLN B 37 -0.39 23.45 -13.42
N GLN B 38 -0.74 22.18 -13.26
CA GLN B 38 -0.60 21.24 -14.37
C GLN B 38 -1.81 20.31 -14.40
N LYS B 39 -2.34 20.09 -15.58
CA LYS B 39 -3.40 19.13 -15.83
C LYS B 39 -2.87 17.98 -16.68
N PRO B 40 -3.51 16.81 -16.64
CA PRO B 40 -2.96 15.64 -17.33
C PRO B 40 -2.73 15.90 -18.81
N GLY B 41 -1.53 15.57 -19.27
CA GLY B 41 -1.20 15.66 -20.68
C GLY B 41 -0.89 17.04 -21.20
N ARG B 42 -0.70 18.02 -20.32
CA ARG B 42 -0.41 19.39 -20.75
C ARG B 42 0.71 19.96 -19.90
N ALA B 43 1.38 20.97 -20.46
CA ALA B 43 2.51 21.57 -19.77
C ALA B 43 2.03 22.38 -18.58
N PRO B 44 2.88 22.52 -17.54
CA PRO B 44 2.49 23.36 -16.41
C PRO B 44 2.33 24.81 -16.81
N LYS B 45 1.52 25.53 -16.03
CA LYS B 45 1.27 26.95 -16.21
C LYS B 45 1.71 27.69 -14.96
N LEU B 46 2.42 28.79 -15.15
CA LEU B 46 2.81 29.64 -14.02
C LEU B 46 1.61 30.41 -13.51
N LEU B 47 1.37 30.32 -12.20
CA LEU B 47 0.29 31.03 -11.53
C LEU B 47 0.78 32.21 -10.71
N ILE B 48 1.78 31.97 -9.87
CA ILE B 48 2.32 32.96 -8.94
C ILE B 48 3.83 32.92 -9.06
N TYR B 49 4.45 34.10 -9.11
CA TYR B 49 5.90 34.21 -9.05
C TYR B 49 6.28 35.11 -7.88
N THR B 50 7.51 34.91 -7.40
CA THR B 50 8.05 35.61 -6.24
C THR B 50 7.04 35.62 -5.09
N ALA B 51 6.50 34.43 -4.82
CA ALA B 51 5.71 34.14 -3.63
C ALA B 51 4.27 34.67 -3.67
N SER B 52 4.04 35.87 -4.20
CA SER B 52 2.73 36.48 -4.08
C SER B 52 2.28 37.31 -5.28
N LYS B 53 3.05 37.35 -6.37
CA LYS B 53 2.70 38.16 -7.53
C LYS B 53 1.96 37.31 -8.56
N LEU B 54 0.79 37.77 -8.98
CA LEU B 54 -0.06 37.01 -9.88
C LEU B 54 0.40 37.17 -11.32
N GLN B 55 0.61 36.04 -11.99
CA GLN B 55 0.99 36.08 -13.40
C GLN B 55 -0.17 36.62 -14.24
N GLY B 56 0.16 37.41 -15.26
CA GLY B 56 -0.87 37.99 -16.08
C GLY B 56 -1.78 36.93 -16.69
N GLY B 57 -3.08 37.22 -16.70
CA GLY B 57 -4.06 36.32 -17.24
C GLY B 57 -4.57 35.26 -16.29
N VAL B 58 -3.94 35.12 -15.12
CA VAL B 58 -4.37 34.12 -14.15
C VAL B 58 -5.51 34.70 -13.33
N PRO B 59 -6.59 33.95 -13.07
CA PRO B 59 -7.72 34.52 -12.34
C PRO B 59 -7.31 35.03 -10.97
N SER B 60 -7.95 36.12 -10.54
CA SER B 60 -7.60 36.78 -9.29
C SER B 60 -7.96 35.95 -8.06
N ARG B 61 -8.69 34.85 -8.21
CA ARG B 61 -8.98 34.01 -7.06
C ARG B 61 -7.74 33.27 -6.55
N PHE B 62 -6.66 33.27 -7.31
CA PHE B 62 -5.39 32.71 -6.86
C PHE B 62 -4.58 33.79 -6.16
N SER B 63 -3.96 33.43 -5.02
CA SER B 63 -3.07 34.34 -4.32
C SER B 63 -2.01 33.52 -3.60
N GLY B 64 -0.87 34.17 -3.35
CA GLY B 64 0.23 33.51 -2.69
C GLY B 64 0.80 34.37 -1.58
N SER B 65 1.40 33.70 -0.60
CA SER B 65 1.97 34.38 0.56
C SER B 65 3.22 33.65 1.01
N GLY B 66 4.08 34.36 1.74
CA GLY B 66 5.18 33.74 2.45
C GLY B 66 6.53 34.29 2.02
N SER B 67 7.53 33.93 2.82
CA SER B 67 8.93 34.23 2.59
C SER B 67 9.75 33.36 3.52
N GLY B 68 11.01 33.15 3.16
CA GLY B 68 11.88 32.36 4.01
C GLY B 68 11.72 30.88 3.74
N THR B 69 11.01 30.18 4.63
CA THR B 69 10.76 28.76 4.46
C THR B 69 9.29 28.38 4.41
N ASP B 70 8.36 29.29 4.73
CA ASP B 70 6.94 28.96 4.82
C ASP B 70 6.17 29.75 3.78
N PHE B 71 5.47 29.04 2.90
CA PHE B 71 4.70 29.64 1.82
C PHE B 71 3.35 28.96 1.72
N THR B 72 2.37 29.69 1.19
CA THR B 72 1.02 29.16 1.01
C THR B 72 0.45 29.64 -0.32
N LEU B 73 -0.32 28.77 -0.96
CA LEU B 73 -1.15 29.14 -2.10
C LEU B 73 -2.61 28.99 -1.70
N THR B 74 -3.41 30.01 -1.97
CA THR B 74 -4.83 30.01 -1.68
C THR B 74 -5.61 30.14 -2.97
N ILE B 75 -6.65 29.35 -3.12
CA ILE B 75 -7.56 29.48 -4.21
C ILE B 75 -8.88 29.78 -3.57
N ASN B 76 -9.34 30.97 -3.79
CA ASN B 76 -10.61 31.39 -3.28
C ASN B 76 -11.68 30.92 -4.24
N SER B 77 -12.80 30.42 -3.75
CA SER B 77 -13.88 30.05 -4.64
C SER B 77 -13.47 29.13 -5.78
N LEU B 78 -13.13 27.92 -5.43
CA LEU B 78 -12.65 26.95 -6.40
C LEU B 78 -13.67 26.78 -7.54
N GLN B 79 -13.17 26.72 -8.75
CA GLN B 79 -13.98 26.56 -9.93
C GLN B 79 -13.65 25.26 -10.62
N PRO B 80 -14.55 24.75 -11.44
CA PRO B 80 -14.32 23.45 -12.08
C PRO B 80 -12.97 23.31 -12.75
N GLU B 81 -12.50 24.37 -13.42
CA GLU B 81 -11.23 24.32 -14.12
C GLU B 81 -10.02 24.36 -13.19
N ASP B 82 -10.23 24.52 -11.88
CA ASP B 82 -9.12 24.57 -10.93
C ASP B 82 -8.72 23.20 -10.40
N PHE B 83 -9.54 22.17 -10.62
CA PHE B 83 -9.17 20.83 -10.19
C PHE B 83 -8.01 20.34 -11.05
N ALA B 84 -6.86 20.18 -10.41
CA ALA B 84 -5.60 19.95 -11.09
C ALA B 84 -4.52 19.69 -10.06
N THR B 85 -3.28 19.52 -10.51
CA THR B 85 -2.14 19.38 -9.62
C THR B 85 -1.38 20.71 -9.55
N TYR B 86 -0.92 21.05 -8.35
CA TYR B 86 -0.21 22.30 -8.12
C TYR B 86 1.16 22.00 -7.55
N TYR B 87 2.19 22.65 -8.11
CA TYR B 87 3.57 22.49 -7.68
C TYR B 87 4.12 23.83 -7.23
N CYS B 88 4.87 23.82 -6.12
CA CYS B 88 5.71 24.96 -5.78
C CYS B 88 7.13 24.69 -6.26
N GLN B 89 7.89 25.76 -6.44
CA GLN B 89 9.25 25.68 -6.94
C GLN B 89 10.07 26.83 -6.38
N GLN B 90 11.16 26.53 -5.69
CA GLN B 90 12.08 27.57 -5.26
C GLN B 90 12.99 27.96 -6.41
N SER B 91 13.22 29.27 -6.55
CA SER B 91 14.03 29.79 -7.64
C SER B 91 15.13 30.71 -7.12
N HIS B 92 15.66 30.44 -5.92
CA HIS B 92 16.75 31.25 -5.39
C HIS B 92 18.13 30.67 -5.67
N GLU B 93 18.24 29.36 -5.89
CA GLU B 93 19.53 28.78 -6.22
C GLU B 93 19.33 27.50 -7.00
N THR B 94 20.41 27.06 -7.65
CA THR B 94 20.39 25.80 -8.38
C THR B 94 20.90 24.66 -7.47
N PRO B 95 20.39 23.44 -7.66
CA PRO B 95 19.36 23.08 -8.63
C PRO B 95 17.99 23.66 -8.27
N LEU B 96 17.25 24.12 -9.27
CA LEU B 96 15.86 24.47 -9.08
C LEU B 96 15.10 23.23 -8.64
N THR B 97 14.32 23.35 -7.58
CA THR B 97 13.68 22.18 -6.99
C THR B 97 12.18 22.44 -6.78
N PHE B 98 11.40 21.40 -6.98
CA PHE B 98 9.95 21.44 -6.88
C PHE B 98 9.47 20.62 -5.70
N GLY B 99 8.31 21.00 -5.16
CA GLY B 99 7.59 20.14 -4.27
C GLY B 99 7.00 18.94 -5.00
N GLN B 100 6.54 17.96 -4.22
CA GLN B 100 6.01 16.73 -4.80
C GLN B 100 4.67 16.94 -5.49
N GLY B 101 4.02 18.07 -5.28
CA GLY B 101 2.75 18.35 -5.93
C GLY B 101 1.58 18.10 -5.00
N THR B 102 0.53 18.89 -5.19
CA THR B 102 -0.74 18.70 -4.48
C THR B 102 -1.82 18.55 -5.53
N LYS B 103 -2.53 17.42 -5.48
CA LYS B 103 -3.63 17.15 -6.40
C LYS B 103 -4.93 17.53 -5.71
N ILE B 104 -5.70 18.42 -6.34
CA ILE B 104 -7.00 18.82 -5.84
C ILE B 104 -8.05 18.08 -6.66
N GLU B 105 -8.79 17.19 -6.02
CA GLU B 105 -9.81 16.38 -6.66
C GLU B 105 -11.20 16.78 -6.19
N VAL B 106 -12.20 16.35 -6.95
CA VAL B 106 -13.59 16.72 -6.67
C VAL B 106 -14.14 15.81 -5.58
N ARG B 107 -14.68 16.42 -4.53
CA ARG B 107 -15.35 15.65 -3.48
C ARG B 107 -16.73 15.22 -3.96
N ARG B 108 -17.11 14.01 -3.57
CA ARG B 108 -18.44 13.49 -3.86
C ARG B 108 -18.79 12.45 -2.81
N THR B 109 -20.01 11.94 -2.88
CA THR B 109 -20.45 10.95 -1.90
C THR B 109 -19.72 9.63 -2.12
N VAL B 110 -19.59 8.86 -1.04
CA VAL B 110 -18.98 7.55 -1.12
C VAL B 110 -19.77 6.68 -2.09
N ALA B 111 -19.06 5.98 -2.96
CA ALA B 111 -19.68 5.09 -3.93
C ALA B 111 -18.88 3.80 -3.98
N ALA B 112 -19.55 2.68 -3.71
CA ALA B 112 -18.89 1.40 -3.74
C ALA B 112 -18.64 0.97 -5.18
N PRO B 113 -17.55 0.23 -5.43
CA PRO B 113 -17.28 -0.26 -6.78
C PRO B 113 -18.21 -1.41 -7.16
N SER B 114 -18.52 -1.47 -8.44
CA SER B 114 -19.04 -2.69 -9.05
C SER B 114 -17.85 -3.54 -9.46
N VAL B 115 -17.83 -4.80 -9.03
CA VAL B 115 -16.66 -5.66 -9.18
C VAL B 115 -16.95 -6.72 -10.22
N PHE B 116 -16.00 -6.93 -11.13
CA PHE B 116 -16.10 -7.94 -12.17
C PHE B 116 -14.75 -8.65 -12.28
N ILE B 117 -14.78 -9.96 -12.49
CA ILE B 117 -13.58 -10.76 -12.70
C ILE B 117 -13.63 -11.38 -14.09
N PHE B 118 -12.48 -11.42 -14.75
CA PHE B 118 -12.40 -11.90 -16.13
C PHE B 118 -11.35 -13.01 -16.23
N PRO B 119 -11.72 -14.19 -16.71
CA PRO B 119 -10.73 -15.25 -16.90
C PRO B 119 -9.87 -14.97 -18.11
N PRO B 120 -8.71 -15.64 -18.23
CA PRO B 120 -7.93 -15.51 -19.46
C PRO B 120 -8.65 -16.15 -20.63
N SER B 121 -8.46 -15.56 -21.80
CA SER B 121 -9.04 -16.11 -23.02
C SER B 121 -8.27 -17.37 -23.43
N ASP B 122 -8.97 -18.28 -24.10
CA ASP B 122 -8.30 -19.46 -24.66
C ASP B 122 -7.19 -19.05 -25.62
N GLU B 123 -7.39 -17.95 -26.35
CA GLU B 123 -6.38 -17.51 -27.31
C GLU B 123 -5.05 -17.19 -26.62
N GLN B 124 -5.10 -16.48 -25.49
CA GLN B 124 -3.86 -16.10 -24.82
C GLN B 124 -3.13 -17.33 -24.29
N LEU B 125 -3.87 -18.33 -23.81
CA LEU B 125 -3.23 -19.49 -23.18
C LEU B 125 -2.29 -20.21 -24.14
N LYS B 126 -2.53 -20.10 -25.44
CA LYS B 126 -1.64 -20.74 -26.42
C LYS B 126 -0.25 -20.13 -26.40
N SER B 127 -0.10 -18.93 -25.86
CA SER B 127 1.21 -18.27 -25.77
C SER B 127 1.99 -18.66 -24.53
N GLY B 128 1.40 -19.46 -23.63
CA GLY B 128 2.08 -19.86 -22.41
C GLY B 128 1.86 -18.96 -21.21
N THR B 129 1.03 -17.93 -21.33
CA THR B 129 0.78 -16.99 -20.24
C THR B 129 -0.72 -16.79 -20.07
N ALA B 130 -1.13 -16.59 -18.82
CA ALA B 130 -2.53 -16.34 -18.48
C ALA B 130 -2.63 -15.02 -17.72
N SER B 131 -3.55 -14.18 -18.16
CA SER B 131 -3.84 -12.91 -17.49
C SER B 131 -5.26 -12.99 -16.92
N VAL B 132 -5.38 -12.72 -15.62
CA VAL B 132 -6.67 -12.66 -14.94
C VAL B 132 -6.87 -11.21 -14.51
N VAL B 133 -8.04 -10.66 -14.84
CA VAL B 133 -8.29 -9.24 -14.65
C VAL B 133 -9.44 -9.06 -13.66
N CYS B 134 -9.26 -8.15 -12.70
CA CYS B 134 -10.31 -7.74 -11.78
C CYS B 134 -10.58 -6.26 -12.01
N LEU B 135 -11.84 -5.92 -12.21
CA LEU B 135 -12.25 -4.55 -12.49
C LEU B 135 -13.05 -4.00 -11.32
N LEU B 136 -12.64 -2.84 -10.82
CA LEU B 136 -13.40 -2.05 -9.85
C LEU B 136 -13.90 -0.81 -10.58
N ASN B 137 -15.23 -0.72 -10.77
CA ASN B 137 -15.81 0.26 -11.66
C ASN B 137 -16.54 1.35 -10.88
N ASN B 138 -16.16 2.61 -11.13
CA ASN B 138 -16.92 3.80 -10.72
C ASN B 138 -17.14 3.80 -9.20
N PHE B 139 -16.05 4.04 -8.47
CA PHE B 139 -16.09 4.09 -7.02
C PHE B 139 -15.45 5.38 -6.53
N TYR B 140 -15.73 5.69 -5.26
CA TYR B 140 -15.16 6.85 -4.60
C TYR B 140 -15.24 6.61 -3.09
N PRO B 141 -14.18 6.96 -2.35
CA PRO B 141 -12.92 7.58 -2.77
C PRO B 141 -11.95 6.64 -3.49
N ARG B 142 -10.79 7.20 -3.86
CA ARG B 142 -9.80 6.48 -4.65
C ARG B 142 -9.25 5.27 -3.93
N GLU B 143 -9.20 5.30 -2.60
CA GLU B 143 -8.54 4.25 -1.85
C GLU B 143 -9.33 2.95 -1.92
N ALA B 144 -8.65 1.86 -2.28
CA ALA B 144 -9.26 0.54 -2.35
C ALA B 144 -8.16 -0.51 -2.25
N LYS B 145 -8.54 -1.69 -1.75
CA LYS B 145 -7.62 -2.82 -1.62
C LYS B 145 -8.15 -4.01 -2.42
N VAL B 146 -7.30 -4.58 -3.26
CA VAL B 146 -7.64 -5.74 -4.08
C VAL B 146 -6.64 -6.85 -3.79
N GLN B 147 -7.15 -8.02 -3.41
CA GLN B 147 -6.33 -9.19 -3.12
C GLN B 147 -6.75 -10.35 -4.01
N TRP B 148 -5.75 -11.04 -4.57
CA TRP B 148 -5.97 -12.21 -5.41
C TRP B 148 -5.78 -13.48 -4.59
N LYS B 149 -6.66 -14.45 -4.81
CA LYS B 149 -6.53 -15.77 -4.20
C LYS B 149 -6.77 -16.83 -5.26
N VAL B 150 -5.87 -17.80 -5.34
CA VAL B 150 -5.95 -18.92 -6.27
C VAL B 150 -6.08 -20.20 -5.43
N ASP B 151 -7.22 -20.88 -5.55
CA ASP B 151 -7.54 -22.01 -4.67
C ASP B 151 -7.41 -21.60 -3.21
N ASN B 152 -7.83 -20.38 -2.90
CA ASN B 152 -7.85 -19.82 -1.56
C ASN B 152 -6.46 -19.47 -1.04
N ALA B 153 -5.45 -19.44 -1.91
CA ALA B 153 -4.09 -19.09 -1.53
C ALA B 153 -3.81 -17.66 -1.96
N LEU B 154 -3.42 -16.81 -1.01
CA LEU B 154 -3.16 -15.41 -1.30
C LEU B 154 -1.99 -15.27 -2.27
N GLN B 155 -2.18 -14.45 -3.31
CA GLN B 155 -1.15 -14.20 -4.30
C GLN B 155 -0.38 -12.93 -3.95
N SER B 156 0.93 -12.96 -4.17
CA SER B 156 1.79 -11.84 -3.85
C SER B 156 2.86 -11.67 -4.92
N GLY B 157 3.02 -10.44 -5.41
CA GLY B 157 4.09 -10.11 -6.31
C GLY B 157 3.83 -10.39 -7.78
N ASN B 158 2.66 -10.92 -8.13
CA ASN B 158 2.35 -11.31 -9.50
C ASN B 158 1.15 -10.55 -10.07
N SER B 159 0.89 -9.36 -9.56
CA SER B 159 -0.22 -8.55 -10.06
C SER B 159 0.19 -7.10 -10.15
N GLN B 160 -0.44 -6.37 -11.09
CA GLN B 160 -0.22 -4.96 -11.28
C GLN B 160 -1.57 -4.25 -11.35
N GLU B 161 -1.63 -3.05 -10.77
CA GLU B 161 -2.85 -2.26 -10.74
C GLU B 161 -2.71 -1.01 -11.61
N SER B 162 -3.84 -0.55 -12.13
CA SER B 162 -3.92 0.70 -12.87
C SER B 162 -5.22 1.39 -12.49
N VAL B 163 -5.18 2.72 -12.43
CA VAL B 163 -6.33 3.52 -12.02
C VAL B 163 -6.53 4.68 -12.99
N THR B 164 -7.78 4.97 -13.29
CA THR B 164 -8.10 6.09 -14.17
C THR B 164 -8.03 7.42 -13.42
N GLU B 165 -7.95 8.49 -14.20
CA GLU B 165 -8.16 9.82 -13.63
C GLU B 165 -9.63 9.99 -13.25
N GLN B 166 -9.87 10.90 -12.32
CA GLN B 166 -11.23 11.13 -11.84
C GLN B 166 -12.15 11.47 -12.99
N ASP B 167 -13.32 10.83 -13.00
CA ASP B 167 -14.26 10.99 -14.11
C ASP B 167 -14.88 12.38 -14.11
N SER B 168 -14.96 12.98 -15.31
CA SER B 168 -15.42 14.35 -15.42
C SER B 168 -16.90 14.50 -15.11
N LYS B 169 -17.71 13.45 -15.33
CA LYS B 169 -19.15 13.58 -15.18
C LYS B 169 -19.63 13.14 -13.79
N ASP B 170 -19.13 12.02 -13.26
CA ASP B 170 -19.57 11.53 -11.96
C ASP B 170 -18.48 11.53 -10.90
N SER B 171 -17.27 12.02 -11.22
CA SER B 171 -16.21 12.21 -10.23
C SER B 171 -15.78 10.92 -9.54
N THR B 172 -16.00 9.77 -10.18
CA THR B 172 -15.60 8.49 -9.63
C THR B 172 -14.25 8.06 -10.22
N TYR B 173 -13.70 6.99 -9.64
CA TYR B 173 -12.51 6.35 -10.15
C TYR B 173 -12.84 4.93 -10.57
N SER B 174 -12.00 4.37 -11.44
CA SER B 174 -12.06 2.96 -11.78
C SER B 174 -10.66 2.38 -11.72
N LEU B 175 -10.57 1.09 -11.41
CA LEU B 175 -9.29 0.45 -11.16
C LEU B 175 -9.32 -0.95 -11.74
N SER B 176 -8.18 -1.36 -12.31
CA SER B 176 -7.98 -2.71 -12.79
C SER B 176 -6.82 -3.35 -12.04
N SER B 177 -6.97 -4.62 -11.69
CA SER B 177 -5.88 -5.43 -11.18
C SER B 177 -5.72 -6.63 -12.09
N THR B 178 -4.49 -6.86 -12.56
CA THR B 178 -4.20 -7.92 -13.50
C THR B 178 -3.24 -8.90 -12.87
N LEU B 179 -3.68 -10.15 -12.73
CA LEU B 179 -2.86 -11.24 -12.22
C LEU B 179 -2.28 -11.99 -13.41
N THR B 180 -0.96 -12.15 -13.44
CA THR B 180 -0.27 -12.81 -14.54
C THR B 180 0.34 -14.11 -14.03
N LEU B 181 -0.05 -15.22 -14.66
CA LEU B 181 0.45 -16.55 -14.32
C LEU B 181 0.93 -17.26 -15.58
N SER B 182 1.84 -18.21 -15.39
CA SER B 182 2.19 -19.10 -16.47
C SER B 182 0.99 -19.99 -16.82
N LYS B 183 0.97 -20.47 -18.07
CA LYS B 183 -0.06 -21.42 -18.48
C LYS B 183 -0.08 -22.62 -17.54
N ALA B 184 1.10 -23.16 -17.22
CA ALA B 184 1.17 -24.33 -16.35
C ALA B 184 0.58 -24.03 -14.98
N ASP B 185 0.95 -22.89 -14.39
CA ASP B 185 0.42 -22.51 -13.09
C ASP B 185 -1.09 -22.32 -13.16
N TYR B 186 -1.58 -21.64 -14.20
CA TYR B 186 -3.01 -21.40 -14.31
C TYR B 186 -3.80 -22.70 -14.34
N GLU B 187 -3.33 -23.68 -15.12
CA GLU B 187 -4.04 -24.94 -15.27
C GLU B 187 -3.86 -25.87 -14.08
N LYS B 188 -3.04 -25.48 -13.10
CA LYS B 188 -2.87 -26.29 -11.91
C LYS B 188 -3.95 -26.06 -10.87
N HIS B 189 -4.70 -24.96 -10.97
CA HIS B 189 -5.64 -24.55 -9.93
C HIS B 189 -7.02 -24.36 -10.54
N LYS B 190 -8.02 -24.33 -9.66
CA LYS B 190 -9.43 -24.31 -10.06
C LYS B 190 -10.10 -22.98 -9.76
N VAL B 191 -10.06 -22.51 -8.51
CA VAL B 191 -10.82 -21.36 -8.07
C VAL B 191 -9.93 -20.12 -8.13
N TYR B 192 -10.36 -19.13 -8.91
CA TYR B 192 -9.68 -17.84 -9.00
C TYR B 192 -10.64 -16.76 -8.49
N ALA B 193 -10.18 -15.98 -7.51
CA ALA B 193 -11.06 -15.05 -6.82
C ALA B 193 -10.38 -13.71 -6.61
N CYS B 194 -11.16 -12.64 -6.76
CA CYS B 194 -10.73 -11.27 -6.48
C CYS B 194 -11.55 -10.73 -5.32
N GLU B 195 -10.88 -10.37 -4.22
CA GLU B 195 -11.55 -9.85 -3.02
C GLU B 195 -11.24 -8.36 -2.89
N VAL B 196 -12.29 -7.55 -2.79
CA VAL B 196 -12.19 -6.10 -2.84
C VAL B 196 -12.63 -5.51 -1.50
N THR B 197 -11.80 -4.65 -0.93
CA THR B 197 -12.13 -3.89 0.26
C THR B 197 -12.22 -2.41 -0.08
N HIS B 198 -13.33 -1.78 0.31
CA HIS B 198 -13.55 -0.37 0.01
C HIS B 198 -14.48 0.23 1.05
N GLN B 199 -14.35 1.53 1.27
CA GLN B 199 -15.15 2.21 2.29
C GLN B 199 -16.64 2.05 2.03
N GLY B 200 -17.06 2.01 0.77
CA GLY B 200 -18.46 1.85 0.43
C GLY B 200 -19.00 0.46 0.64
N LEU B 201 -18.14 -0.50 0.94
CA LEU B 201 -18.54 -1.89 1.19
C LEU B 201 -18.42 -2.17 2.68
N SER B 202 -19.52 -2.62 3.28
CA SER B 202 -19.50 -2.97 4.70
C SER B 202 -18.61 -4.18 4.96
N SER B 203 -18.49 -5.07 4.00
CA SER B 203 -17.63 -6.24 4.09
C SER B 203 -17.01 -6.48 2.73
N PRO B 204 -15.81 -7.04 2.68
CA PRO B 204 -15.16 -7.26 1.37
C PRO B 204 -16.02 -8.11 0.46
N VAL B 205 -16.02 -7.74 -0.82
CA VAL B 205 -16.77 -8.46 -1.84
C VAL B 205 -15.80 -9.33 -2.62
N THR B 206 -16.23 -10.55 -2.94
CA THR B 206 -15.41 -11.50 -3.68
C THR B 206 -16.12 -11.89 -4.97
N LYS B 207 -15.42 -11.78 -6.08
CA LYS B 207 -15.85 -12.33 -7.36
C LYS B 207 -14.87 -13.41 -7.75
N SER B 208 -15.38 -14.53 -8.27
CA SER B 208 -14.51 -15.66 -8.58
C SER B 208 -15.09 -16.43 -9.76
N PHE B 209 -14.26 -17.32 -10.30
CA PHE B 209 -14.70 -18.25 -11.34
C PHE B 209 -13.95 -19.56 -11.15
N ASN B 210 -14.52 -20.62 -11.73
CA ASN B 210 -13.90 -21.93 -11.74
C ASN B 210 -13.32 -22.19 -13.12
N ARG B 211 -12.03 -22.50 -13.18
CA ARG B 211 -11.35 -22.75 -14.45
C ARG B 211 -12.09 -23.82 -15.24
N GLY B 212 -12.58 -23.47 -16.43
CA GLY B 212 -13.29 -24.42 -17.25
C GLY B 212 -14.80 -24.40 -17.22
N GLU C 1 -10.59 -25.56 38.92
CA GLU C 1 -10.58 -24.83 37.61
C GLU C 1 -10.23 -25.80 36.48
N VAL C 2 -10.96 -25.70 35.37
CA VAL C 2 -10.80 -26.64 34.28
C VAL C 2 -9.75 -26.09 33.32
N GLN C 3 -9.14 -26.99 32.55
CA GLN C 3 -8.11 -26.61 31.62
C GLN C 3 -8.25 -27.39 30.32
N LEU C 4 -7.91 -26.72 29.22
CA LEU C 4 -7.87 -27.27 27.89
C LEU C 4 -6.50 -26.98 27.33
N VAL C 5 -5.82 -28.01 26.81
CA VAL C 5 -4.44 -27.87 26.35
C VAL C 5 -4.31 -28.53 24.99
N GLU C 6 -3.97 -27.74 23.97
CA GLU C 6 -3.67 -28.27 22.65
C GLU C 6 -2.20 -28.62 22.54
N SER C 7 -1.91 -29.60 21.69
CA SER C 7 -0.53 -29.98 21.40
C SER C 7 -0.47 -30.54 19.99
N GLY C 8 0.75 -30.70 19.50
CA GLY C 8 1.00 -31.30 18.21
C GLY C 8 1.45 -30.34 17.12
N GLY C 9 1.38 -29.04 17.36
CA GLY C 9 1.78 -28.09 16.34
C GLY C 9 3.26 -28.21 16.03
N GLY C 10 3.61 -27.88 14.79
CA GLY C 10 5.00 -27.88 14.38
C GLY C 10 5.13 -27.49 12.93
N LEU C 11 6.31 -27.73 12.38
CA LEU C 11 6.62 -27.42 10.99
C LEU C 11 6.19 -28.57 10.09
N VAL C 12 5.60 -28.22 8.95
CA VAL C 12 5.16 -29.21 7.97
C VAL C 12 5.48 -28.66 6.58
N LYS C 13 5.93 -29.54 5.69
CA LYS C 13 6.10 -29.14 4.30
C LYS C 13 4.75 -29.16 3.59
N PRO C 14 4.58 -28.33 2.57
CA PRO C 14 3.34 -28.38 1.79
C PRO C 14 3.06 -29.79 1.29
N GLY C 15 1.80 -30.19 1.40
CA GLY C 15 1.37 -31.54 1.08
C GLY C 15 1.46 -32.52 2.23
N GLY C 16 2.03 -32.11 3.36
CA GLY C 16 2.23 -33.00 4.49
C GLY C 16 1.00 -33.12 5.37
N SER C 17 1.20 -33.84 6.48
CA SER C 17 0.14 -34.15 7.42
C SER C 17 0.58 -33.79 8.83
N LEU C 18 -0.40 -33.62 9.71
CA LEU C 18 -0.15 -33.31 11.11
C LEU C 18 -1.38 -33.67 11.91
N ARG C 19 -1.17 -34.11 13.14
CA ARG C 19 -2.25 -34.46 14.05
C ARG C 19 -2.16 -33.59 15.30
N LEU C 20 -3.21 -32.84 15.56
CA LEU C 20 -3.31 -32.02 16.76
C LEU C 20 -4.17 -32.71 17.80
N SER C 21 -3.83 -32.52 19.07
CA SER C 21 -4.56 -33.10 20.19
C SER C 21 -5.06 -32.00 21.11
N CYS C 22 -6.20 -32.24 21.73
CA CYS C 22 -6.82 -31.35 22.69
C CYS C 22 -7.17 -32.19 23.91
N GLU C 23 -6.45 -31.96 25.01
CA GLU C 23 -6.59 -32.75 26.23
C GLU C 23 -7.05 -31.84 27.36
N VAL C 24 -7.96 -32.34 28.20
CA VAL C 24 -8.60 -31.50 29.22
C VAL C 24 -8.44 -32.14 30.59
N SER C 25 -8.55 -31.29 31.61
CA SER C 25 -8.52 -31.74 33.00
C SER C 25 -9.60 -31.00 33.77
N GLY C 26 -10.21 -31.71 34.73
CA GLY C 26 -11.21 -31.10 35.57
C GLY C 26 -12.64 -31.36 35.15
N PHE C 27 -12.86 -32.07 34.05
CA PHE C 27 -14.21 -32.39 33.61
C PHE C 27 -14.11 -33.51 32.57
N THR C 28 -15.28 -34.08 32.25
CA THR C 28 -15.37 -35.14 31.26
C THR C 28 -15.69 -34.51 29.91
N PHE C 29 -14.73 -34.58 28.99
CA PHE C 29 -14.88 -33.89 27.70
C PHE C 29 -16.11 -34.38 26.94
N SER C 30 -16.45 -35.67 27.09
CA SER C 30 -17.56 -36.24 26.34
C SER C 30 -18.92 -35.63 26.73
N ASP C 31 -18.99 -34.94 27.87
CA ASP C 31 -20.20 -34.20 28.21
C ASP C 31 -20.41 -32.98 27.32
N TYR C 32 -19.43 -32.62 26.49
CA TYR C 32 -19.46 -31.38 25.72
C TYR C 32 -19.15 -31.62 24.26
N HIS C 33 -19.84 -30.89 23.38
CA HIS C 33 -19.40 -30.82 22.00
C HIS C 33 -18.14 -29.95 21.94
N ALA C 34 -17.42 -30.04 20.82
CA ALA C 34 -16.12 -29.40 20.72
C ALA C 34 -15.92 -28.82 19.32
N THR C 35 -15.00 -27.86 19.24
CA THR C 35 -14.67 -27.21 17.98
C THR C 35 -13.17 -26.98 17.88
N TRP C 36 -12.71 -26.90 16.63
CA TRP C 36 -11.39 -26.37 16.31
C TRP C 36 -11.56 -25.08 15.54
N LEU C 37 -10.75 -24.09 15.87
CA LEU C 37 -10.68 -22.82 15.18
C LEU C 37 -9.20 -22.51 14.94
N ARG C 38 -8.94 -21.45 14.18
CA ARG C 38 -7.56 -21.05 13.94
C ARG C 38 -7.49 -19.55 13.71
N GLN C 39 -6.28 -19.03 13.87
CA GLN C 39 -6.02 -17.60 13.75
C GLN C 39 -4.69 -17.45 13.02
N ALA C 40 -4.76 -17.05 11.76
CA ALA C 40 -3.57 -16.80 10.99
C ALA C 40 -2.87 -15.54 11.48
N PRO C 41 -1.57 -15.40 11.22
CA PRO C 41 -0.84 -14.23 11.69
C PRO C 41 -1.49 -12.91 11.28
N GLY C 42 -1.80 -12.07 12.27
CA GLY C 42 -2.40 -10.78 12.00
C GLY C 42 -3.84 -10.80 11.54
N LYS C 43 -4.50 -11.96 11.58
CA LYS C 43 -5.87 -12.12 11.11
C LYS C 43 -6.80 -12.40 12.28
N GLY C 44 -8.08 -12.57 11.95
CA GLY C 44 -9.12 -12.81 12.92
C GLY C 44 -9.31 -14.29 13.18
N LEU C 45 -10.39 -14.60 13.89
CA LEU C 45 -10.70 -15.97 14.25
C LEU C 45 -11.49 -16.63 13.13
N GLU C 46 -11.11 -17.88 12.82
CA GLU C 46 -11.72 -18.65 11.75
C GLU C 46 -12.14 -20.00 12.30
N TRP C 47 -13.44 -20.31 12.22
CA TRP C 47 -13.93 -21.63 12.62
C TRP C 47 -13.58 -22.68 11.58
N ILE C 48 -13.20 -23.86 12.05
CA ILE C 48 -12.67 -24.93 11.20
C ILE C 48 -13.54 -26.17 11.25
N SER C 49 -13.90 -26.63 12.45
CA SER C 49 -14.58 -27.90 12.55
C SER C 49 -15.32 -28.03 13.87
N TYR C 50 -16.35 -28.88 13.86
CA TYR C 50 -17.22 -29.14 15.00
C TYR C 50 -17.43 -30.64 15.14
N ILE C 51 -17.51 -31.11 16.38
CA ILE C 51 -17.83 -32.51 16.65
C ILE C 51 -18.72 -32.59 17.88
N SER C 52 -19.76 -33.42 17.80
CA SER C 52 -20.66 -33.59 18.93
C SER C 52 -19.99 -34.40 20.04
N GLY C 53 -20.59 -34.33 21.23
CA GLY C 53 -20.06 -35.07 22.36
C GLY C 53 -19.91 -36.55 22.07
N SER C 54 -20.88 -37.13 21.35
CA SER C 54 -20.82 -38.54 21.00
C SER C 54 -19.85 -38.84 19.87
N GLY C 55 -19.49 -37.84 19.07
CA GLY C 55 -18.66 -38.05 17.91
C GLY C 55 -19.41 -38.42 16.64
N SER C 56 -20.73 -38.54 16.70
CA SER C 56 -21.51 -38.97 15.54
C SER C 56 -21.74 -37.86 14.55
N THR C 57 -21.63 -36.60 14.98
CA THR C 57 -21.85 -35.45 14.11
C THR C 57 -20.55 -34.67 13.95
N THR C 58 -20.23 -34.33 12.71
CA THR C 58 -19.07 -33.49 12.40
C THR C 58 -19.43 -32.51 11.30
N TYR C 59 -18.93 -31.28 11.42
CA TYR C 59 -19.07 -30.27 10.38
C TYR C 59 -17.71 -29.62 10.14
N TYR C 60 -17.53 -29.10 8.94
CA TYR C 60 -16.25 -28.55 8.52
C TYR C 60 -16.45 -27.26 7.74
N ALA C 61 -15.50 -26.34 7.89
CA ALA C 61 -15.44 -25.19 7.01
C ALA C 61 -15.01 -25.62 5.62
N ASP C 62 -15.56 -24.95 4.60
CA ASP C 62 -15.24 -25.30 3.21
C ASP C 62 -13.73 -25.32 2.98
N ALA C 63 -12.99 -24.40 3.60
CA ALA C 63 -11.56 -24.27 3.35
C ALA C 63 -10.77 -25.54 3.70
N VAL C 64 -11.32 -26.42 4.53
CA VAL C 64 -10.61 -27.62 4.97
C VAL C 64 -11.34 -28.91 4.62
N LYS C 65 -12.51 -28.84 3.98
CA LYS C 65 -13.26 -30.04 3.71
C LYS C 65 -12.48 -30.98 2.80
N GLY C 66 -12.53 -32.27 3.11
CA GLY C 66 -11.80 -33.29 2.38
C GLY C 66 -10.34 -33.43 2.76
N ARG C 67 -9.80 -32.52 3.56
CA ARG C 67 -8.41 -32.56 4.00
C ARG C 67 -8.25 -32.77 5.49
N PHE C 68 -9.11 -32.17 6.31
CA PHE C 68 -9.05 -32.29 7.75
C PHE C 68 -10.16 -33.22 8.25
N THR C 69 -9.87 -33.93 9.34
CA THR C 69 -10.84 -34.79 9.99
C THR C 69 -10.82 -34.52 11.49
N ILE C 70 -11.96 -34.17 12.05
CA ILE C 70 -12.08 -34.00 13.50
C ILE C 70 -12.56 -35.33 14.09
N SER C 71 -12.07 -35.67 15.27
CA SER C 71 -12.44 -36.91 15.93
C SER C 71 -12.26 -36.71 17.42
N ARG C 72 -12.68 -37.71 18.19
CA ARG C 72 -12.49 -37.65 19.63
C ARG C 72 -12.41 -39.06 20.20
N ASP C 73 -11.81 -39.15 21.38
CA ASP C 73 -11.68 -40.40 22.11
C ASP C 73 -12.15 -40.08 23.53
N ASN C 74 -13.38 -40.48 23.83
CA ASN C 74 -13.95 -40.07 25.10
C ASN C 74 -13.30 -40.80 26.27
N ALA C 75 -12.74 -41.99 26.03
CA ALA C 75 -11.98 -42.67 27.08
C ALA C 75 -10.69 -41.90 27.41
N LYS C 76 -10.04 -41.34 26.39
CA LYS C 76 -8.85 -40.53 26.59
C LYS C 76 -9.16 -39.07 26.85
N ASN C 77 -10.44 -38.71 26.98
CA ASN C 77 -10.83 -37.37 27.38
C ASN C 77 -10.23 -36.32 26.43
N SER C 78 -10.22 -36.64 25.14
CA SER C 78 -9.49 -35.83 24.17
C SER C 78 -10.30 -35.63 22.90
N VAL C 79 -9.93 -34.56 22.18
CA VAL C 79 -10.44 -34.25 20.85
C VAL C 79 -9.23 -34.04 19.96
N TYR C 80 -9.36 -34.39 18.68
CA TYR C 80 -8.24 -34.38 17.74
C TYR C 80 -8.62 -33.68 16.45
N LEU C 81 -7.59 -33.18 15.76
CA LEU C 81 -7.74 -32.65 14.41
C LEU C 81 -6.65 -33.29 13.56
N GLU C 82 -7.05 -34.15 12.63
CA GLU C 82 -6.13 -34.79 11.70
C GLU C 82 -6.06 -33.93 10.45
N MET C 83 -4.85 -33.54 10.07
CA MET C 83 -4.62 -32.64 8.94
C MET C 83 -3.83 -33.36 7.87
N SER C 84 -4.26 -33.19 6.62
CA SER C 84 -3.56 -33.76 5.47
C SER C 84 -3.59 -32.76 4.34
N SER C 85 -2.74 -32.99 3.34
CA SER C 85 -2.62 -32.11 2.18
C SER C 85 -2.50 -30.65 2.61
N LEU C 86 -1.65 -30.41 3.59
CA LEU C 86 -1.51 -29.07 4.17
C LEU C 86 -0.95 -28.10 3.15
N ARG C 87 -1.39 -26.85 3.27
CA ARG C 87 -0.98 -25.77 2.38
C ARG C 87 -0.45 -24.61 3.22
N ASP C 88 0.36 -23.76 2.57
CA ASP C 88 0.93 -22.60 3.25
C ASP C 88 -0.15 -21.81 3.99
N GLU C 89 -1.31 -21.65 3.36
CA GLU C 89 -2.38 -20.84 3.96
C GLU C 89 -3.01 -21.49 5.18
N ASP C 90 -2.65 -22.73 5.52
CA ASP C 90 -3.08 -23.34 6.77
C ASP C 90 -2.22 -22.92 7.95
N THR C 91 -1.18 -22.11 7.72
CA THR C 91 -0.35 -21.63 8.82
C THR C 91 -1.18 -20.77 9.76
N ALA C 92 -1.16 -21.11 11.05
CA ALA C 92 -1.98 -20.41 12.02
C ALA C 92 -1.74 -20.99 13.41
N VAL C 93 -2.22 -20.25 14.42
CA VAL C 93 -2.44 -20.84 15.73
C VAL C 93 -3.78 -21.56 15.70
N TYR C 94 -3.79 -22.82 16.13
CA TYR C 94 -5.00 -23.63 16.15
C TYR C 94 -5.52 -23.75 17.58
N TYR C 95 -6.80 -23.43 17.75
CA TYR C 95 -7.47 -23.45 19.04
C TYR C 95 -8.51 -24.56 19.09
N CYS C 96 -8.53 -25.27 20.20
CA CYS C 96 -9.62 -26.17 20.55
C CYS C 96 -10.50 -25.48 21.57
N ALA C 97 -11.81 -25.59 21.40
CA ALA C 97 -12.75 -24.92 22.29
C ALA C 97 -13.95 -25.80 22.52
N ARG C 98 -14.38 -25.93 23.77
CA ARG C 98 -15.58 -26.68 24.06
C ARG C 98 -16.78 -25.76 23.92
N THR C 99 -17.88 -26.30 23.39
CA THR C 99 -19.10 -25.53 23.26
C THR C 99 -19.85 -25.48 24.58
N ARG C 100 -20.42 -24.32 24.87
CA ARG C 100 -21.14 -24.11 26.10
C ARG C 100 -22.44 -24.89 26.11
N LEU C 101 -22.77 -25.47 27.26
CA LEU C 101 -24.05 -26.13 27.44
C LEU C 101 -25.17 -25.11 27.64
N GLY C 102 -26.38 -25.54 27.33
CA GLY C 102 -27.54 -24.70 27.59
C GLY C 102 -27.81 -24.54 29.07
N ASP C 103 -28.45 -23.42 29.42
CA ASP C 103 -28.76 -23.13 30.82
C ASP C 103 -29.92 -23.99 31.33
N ILE C 104 -30.92 -24.24 30.48
CA ILE C 104 -32.09 -25.02 30.89
C ILE C 104 -32.17 -26.27 30.03
N VAL C 105 -32.38 -26.08 28.73
CA VAL C 105 -32.55 -27.19 27.80
C VAL C 105 -31.28 -27.35 26.98
N GLN C 106 -30.90 -28.60 26.72
CA GLN C 106 -29.65 -28.91 26.05
C GLN C 106 -29.86 -29.00 24.55
N ALA C 107 -28.89 -28.50 23.81
CA ALA C 107 -28.95 -28.56 22.35
C ALA C 107 -28.46 -29.92 21.86
N PRO C 108 -29.22 -30.62 21.04
CA PRO C 108 -28.76 -31.93 20.54
C PRO C 108 -27.49 -31.78 19.73
N GLY C 109 -26.86 -32.93 19.47
CA GLY C 109 -25.54 -32.94 18.86
C GLY C 109 -25.49 -32.25 17.50
N VAL C 110 -26.56 -32.40 16.71
CA VAL C 110 -26.53 -31.84 15.36
C VAL C 110 -26.51 -30.31 15.38
N ILE C 111 -26.92 -29.68 16.48
CA ILE C 111 -26.94 -28.22 16.57
C ILE C 111 -26.33 -27.78 17.91
N GLY C 112 -25.31 -28.50 18.38
CA GLY C 112 -24.76 -28.30 19.71
C GLY C 112 -23.96 -27.03 19.94
N TYR C 113 -23.77 -26.20 18.91
CA TYR C 113 -22.91 -25.02 18.99
C TYR C 113 -23.69 -23.73 19.26
N TYR C 114 -24.98 -23.82 19.56
CA TYR C 114 -25.83 -22.64 19.57
C TYR C 114 -25.38 -21.60 20.58
N TYR C 115 -24.71 -22.01 21.67
CA TYR C 115 -24.49 -21.13 22.81
C TYR C 115 -23.03 -20.68 22.93
N GLY C 116 -22.25 -20.78 21.86
CA GLY C 116 -20.90 -20.28 21.89
C GLY C 116 -19.92 -21.28 22.49
N MET C 117 -18.68 -20.82 22.65
CA MET C 117 -17.59 -21.64 23.16
C MET C 117 -17.10 -21.03 24.47
N ASP C 118 -17.25 -21.76 25.58
CA ASP C 118 -16.99 -21.19 26.90
C ASP C 118 -15.59 -21.49 27.45
N VAL C 119 -14.87 -22.48 26.92
CA VAL C 119 -13.52 -22.76 27.37
C VAL C 119 -12.64 -22.98 26.14
N TRP C 120 -11.54 -22.24 26.06
CA TRP C 120 -10.59 -22.32 24.97
C TRP C 120 -9.21 -22.71 25.52
N GLY C 121 -8.43 -23.40 24.67
CA GLY C 121 -7.03 -23.65 25.00
C GLY C 121 -6.15 -22.47 24.57
N GLN C 122 -4.87 -22.54 24.97
CA GLN C 122 -3.99 -21.45 24.63
CA GLN C 122 -3.89 -21.51 24.66
C GLN C 122 -3.44 -21.56 23.20
N GLY C 123 -3.70 -22.65 22.51
CA GLY C 123 -3.38 -22.77 21.10
C GLY C 123 -2.07 -23.53 20.86
N THR C 124 -1.96 -24.06 19.65
CA THR C 124 -0.75 -24.71 19.17
C THR C 124 -0.50 -24.25 17.74
N THR C 125 0.76 -23.90 17.44
CA THR C 125 1.10 -23.25 16.17
C THR C 125 1.48 -24.28 15.12
N VAL C 126 0.88 -24.14 13.94
CA VAL C 126 1.19 -24.96 12.78
C VAL C 126 1.77 -24.06 11.71
N THR C 127 2.96 -24.41 11.22
CA THR C 127 3.65 -23.64 10.18
C THR C 127 3.85 -24.54 8.98
N VAL C 128 3.25 -24.17 7.85
CA VAL C 128 3.37 -24.91 6.61
C VAL C 128 4.22 -24.09 5.66
N SER C 129 5.36 -24.64 5.27
CA SER C 129 6.30 -23.92 4.43
C SER C 129 7.32 -24.89 3.86
N SER C 130 7.83 -24.55 2.68
CA SER C 130 8.94 -25.30 2.09
C SER C 130 10.30 -24.82 2.59
N ALA C 131 10.34 -23.75 3.38
CA ALA C 131 11.61 -23.21 3.86
C ALA C 131 12.31 -24.18 4.80
N SER C 132 13.63 -24.10 4.81
CA SER C 132 14.45 -24.88 5.73
C SER C 132 14.83 -24.03 6.93
N THR C 133 14.98 -24.68 8.08
CA THR C 133 15.40 -23.98 9.28
C THR C 133 16.73 -23.28 9.05
N LYS C 134 16.78 -22.00 9.41
CA LYS C 134 17.93 -21.15 9.13
C LYS C 134 18.02 -20.06 10.19
N GLY C 135 19.23 -19.84 10.68
CA GLY C 135 19.48 -18.80 11.66
C GLY C 135 19.57 -17.44 10.99
N PRO C 136 19.37 -16.38 11.76
CA PRO C 136 19.35 -15.03 11.18
C PRO C 136 20.74 -14.47 10.95
N SER C 137 20.81 -13.57 9.97
CA SER C 137 21.93 -12.65 9.86
C SER C 137 21.54 -11.36 10.59
N VAL C 138 22.48 -10.83 11.37
CA VAL C 138 22.20 -9.67 12.22
C VAL C 138 23.08 -8.53 11.73
N PHE C 139 22.45 -7.41 11.38
CA PHE C 139 23.14 -6.27 10.84
C PHE C 139 22.87 -5.05 11.71
N PRO C 140 23.85 -4.16 11.88
CA PRO C 140 23.63 -2.99 12.73
C PRO C 140 22.77 -1.95 12.04
N LEU C 141 21.88 -1.34 12.82
CA LEU C 141 21.20 -0.11 12.45
C LEU C 141 21.96 0.98 13.20
N ALA C 142 22.98 1.54 12.54
CA ALA C 142 23.98 2.33 13.24
C ALA C 142 23.43 3.73 13.58
N PRO C 143 23.80 4.27 14.74
CA PRO C 143 23.31 5.61 15.08
C PRO C 143 23.89 6.66 14.14
N SER C 144 23.05 7.58 13.73
CA SER C 144 23.44 8.57 12.72
C SER C 144 24.50 9.50 13.27
N SER C 145 25.44 9.89 12.41
CA SER C 145 26.41 10.90 12.78
C SER C 145 25.75 12.25 13.02
N LYS C 146 24.54 12.46 12.51
CA LYS C 146 23.79 13.68 12.71
C LYS C 146 22.97 13.68 13.99
N SER C 147 23.12 12.67 14.85
CA SER C 147 22.40 12.63 16.11
C SER C 147 22.63 13.93 16.88
N THR C 148 21.54 14.56 17.31
CA THR C 148 21.63 15.87 17.95
C THR C 148 22.45 15.78 19.23
N SER C 149 23.38 16.72 19.39
CA SER C 149 24.19 16.78 20.60
C SER C 149 23.31 17.08 21.81
N GLY C 150 23.55 16.37 22.90
CA GLY C 150 22.71 16.50 24.08
C GLY C 150 21.28 16.09 23.85
N GLY C 151 21.00 15.37 22.77
CA GLY C 151 19.66 14.94 22.44
C GLY C 151 19.49 13.45 22.52
N THR C 152 18.57 12.92 21.72
CA THR C 152 18.26 11.49 21.72
C THR C 152 18.66 10.88 20.39
N ALA C 153 19.33 9.74 20.44
CA ALA C 153 19.73 9.00 19.25
C ALA C 153 19.01 7.66 19.18
N ALA C 154 18.90 7.14 17.97
CA ALA C 154 18.29 5.83 17.74
C ALA C 154 19.32 4.91 17.11
N LEU C 155 19.28 3.65 17.51
CA LEU C 155 20.12 2.61 16.93
C LEU C 155 19.39 1.29 17.09
N GLY C 156 19.90 0.26 16.43
CA GLY C 156 19.22 -1.02 16.49
C GLY C 156 19.97 -2.11 15.75
N CYS C 157 19.27 -3.21 15.57
CA CYS C 157 19.75 -4.38 14.86
C CYS C 157 18.66 -4.87 13.91
N LEU C 158 19.07 -5.20 12.69
CA LEU C 158 18.20 -5.83 11.70
C LEU C 158 18.46 -7.33 11.74
N VAL C 159 17.41 -8.10 12.02
CA VAL C 159 17.50 -9.54 12.17
C VAL C 159 16.83 -10.14 10.94
N LYS C 160 17.61 -10.59 9.97
CA LYS C 160 17.07 -10.89 8.65
C LYS C 160 17.25 -12.35 8.26
N ASP C 161 16.26 -12.88 7.56
CA ASP C 161 16.34 -14.15 6.84
C ASP C 161 16.50 -15.34 7.77
N TYR C 162 15.56 -15.52 8.70
CA TYR C 162 15.54 -16.69 9.56
C TYR C 162 14.24 -17.46 9.39
N PHE C 163 14.27 -18.72 9.80
CA PHE C 163 13.09 -19.58 9.75
C PHE C 163 13.29 -20.75 10.71
N PRO C 164 12.23 -21.15 11.43
CA PRO C 164 10.92 -20.53 11.58
C PRO C 164 10.93 -19.49 12.70
N GLU C 165 9.76 -18.94 13.01
CA GLU C 165 9.60 -18.16 14.22
C GLU C 165 9.82 -19.06 15.42
N PRO C 166 10.18 -18.48 16.57
CA PRO C 166 10.44 -17.06 16.83
C PRO C 166 11.90 -16.73 17.05
N VAL C 167 12.23 -15.44 17.03
CA VAL C 167 13.50 -14.95 17.56
C VAL C 167 13.18 -14.04 18.74
N THR C 168 14.11 -13.96 19.67
CA THR C 168 14.05 -13.01 20.76
C THR C 168 15.26 -12.09 20.68
N VAL C 169 15.08 -10.86 21.13
CA VAL C 169 16.14 -9.86 21.12
C VAL C 169 16.15 -9.17 22.47
N SER C 170 17.35 -9.03 23.05
CA SER C 170 17.56 -8.20 24.22
C SER C 170 18.69 -7.23 23.89
N TRP C 171 18.89 -6.26 24.79
CA TRP C 171 19.96 -5.28 24.64
C TRP C 171 20.81 -5.31 25.90
N ASN C 172 22.13 -5.35 25.71
CA ASN C 172 23.08 -5.37 26.83
C ASN C 172 22.72 -6.46 27.83
N SER C 173 22.34 -7.62 27.31
CA SER C 173 22.06 -8.82 28.11
C SER C 173 20.99 -8.55 29.17
N GLY C 174 20.04 -7.68 28.85
CA GLY C 174 18.94 -7.38 29.75
C GLY C 174 19.13 -6.12 30.57
N ALA C 175 20.31 -5.51 30.52
CA ALA C 175 20.55 -4.29 31.28
C ALA C 175 19.90 -3.07 30.63
N LEU C 176 19.53 -3.16 29.35
CA LEU C 176 18.88 -2.07 28.64
C LEU C 176 17.51 -2.56 28.17
N THR C 177 16.46 -2.04 28.79
CA THR C 177 15.09 -2.41 28.43
C THR C 177 14.25 -1.17 28.13
N SER C 178 14.50 -0.07 28.83
CA SER C 178 13.76 1.16 28.60
C SER C 178 14.07 1.71 27.20
N GLY C 179 13.02 2.08 26.47
CA GLY C 179 13.17 2.64 25.15
C GLY C 179 13.36 1.64 24.03
N VAL C 180 13.35 0.33 24.33
CA VAL C 180 13.52 -0.70 23.31
C VAL C 180 12.19 -0.99 22.63
N HIS C 181 12.23 -1.12 21.31
CA HIS C 181 11.08 -1.59 20.53
C HIS C 181 11.56 -2.70 19.61
N THR C 182 11.08 -3.91 19.87
CA THR C 182 11.37 -5.05 19.00
C THR C 182 10.11 -5.34 18.19
N PHE C 183 10.20 -5.14 16.89
CA PHE C 183 9.02 -5.20 16.05
C PHE C 183 8.59 -6.64 15.76
N PRO C 184 7.29 -6.86 15.53
CA PRO C 184 6.84 -8.17 15.05
C PRO C 184 7.50 -8.51 13.74
N ALA C 185 7.76 -9.80 13.55
CA ALA C 185 8.40 -10.27 12.34
C ALA C 185 7.45 -10.11 11.15
N VAL C 186 8.04 -9.93 9.97
CA VAL C 186 7.32 -9.96 8.71
C VAL C 186 7.81 -11.18 7.93
N LEU C 187 6.89 -11.82 7.23
CA LEU C 187 7.22 -12.93 6.34
C LEU C 187 7.53 -12.36 4.96
N GLN C 188 8.76 -12.59 4.49
CA GLN C 188 9.21 -12.07 3.21
C GLN C 188 8.81 -13.03 2.08
N SER C 189 8.85 -12.50 0.85
CA SER C 189 8.50 -13.32 -0.31
C SER C 189 9.41 -14.53 -0.47
N SER C 190 10.62 -14.48 0.09
CA SER C 190 11.54 -15.61 0.07
C SER C 190 11.09 -16.76 0.95
N GLY C 191 10.06 -16.56 1.78
CA GLY C 191 9.68 -17.55 2.77
C GLY C 191 10.44 -17.44 4.07
N LEU C 192 11.32 -16.47 4.21
CA LEU C 192 12.06 -16.25 5.44
C LEU C 192 11.52 -15.02 6.16
N TYR C 193 11.74 -15.00 7.46
CA TYR C 193 11.27 -13.91 8.30
C TYR C 193 12.36 -12.87 8.51
N SER C 194 11.93 -11.68 8.89
CA SER C 194 12.83 -10.57 9.21
C SER C 194 12.16 -9.70 10.26
N LEU C 195 12.99 -9.10 11.12
CA LEU C 195 12.49 -8.08 12.04
C LEU C 195 13.63 -7.17 12.42
N SER C 196 13.28 -6.02 12.99
CA SER C 196 14.24 -5.09 13.57
C SER C 196 13.95 -4.88 15.04
N SER C 197 15.01 -4.61 15.80
CA SER C 197 14.89 -4.15 17.18
C SER C 197 15.64 -2.83 17.29
N VAL C 198 14.99 -1.83 17.88
CA VAL C 198 15.58 -0.50 17.98
C VAL C 198 15.54 -0.05 19.44
N VAL C 199 16.34 0.96 19.75
CA VAL C 199 16.34 1.57 21.07
C VAL C 199 16.80 3.01 20.91
N THR C 200 16.21 3.90 21.71
CA THR C 200 16.65 5.28 21.77
C THR C 200 17.45 5.51 23.04
N VAL C 201 18.56 6.24 22.91
CA VAL C 201 19.48 6.46 24.02
C VAL C 201 19.99 7.89 23.96
N PRO C 202 20.61 8.41 25.02
CA PRO C 202 21.20 9.74 24.93
C PRO C 202 22.35 9.78 23.93
N SER C 203 22.33 10.80 23.06
CA SER C 203 23.40 10.94 22.09
C SER C 203 24.77 11.04 22.75
N SER C 204 24.84 11.64 23.95
CA SER C 204 26.10 11.80 24.63
C SER C 204 26.73 10.48 25.05
N SER C 205 25.95 9.40 25.08
CA SER C 205 26.44 8.10 25.50
C SER C 205 27.09 7.31 24.38
N LEU C 206 26.97 7.76 23.12
CA LEU C 206 27.43 6.95 22.00
C LEU C 206 28.93 6.71 22.03
N GLY C 207 29.70 7.65 22.57
CA GLY C 207 31.15 7.47 22.62
C GLY C 207 31.61 6.53 23.70
N THR C 208 30.87 6.43 24.80
CA THR C 208 31.30 5.70 25.99
C THR C 208 30.53 4.42 26.24
N GLN C 209 29.21 4.41 26.10
CA GLN C 209 28.40 3.26 26.45
C GLN C 209 28.35 2.29 25.28
N THR C 210 28.72 1.04 25.54
CA THR C 210 28.62 -0.01 24.53
C THR C 210 27.18 -0.51 24.45
N TYR C 211 26.70 -0.69 23.21
CA TYR C 211 25.36 -1.18 22.95
C TYR C 211 25.47 -2.44 22.11
N ILE C 212 24.90 -3.54 22.61
CA ILE C 212 24.95 -4.84 21.96
C ILE C 212 23.55 -5.42 21.95
N CYS C 213 23.09 -5.87 20.80
CA CYS C 213 21.82 -6.59 20.72
C CYS C 213 22.11 -8.08 20.76
N ASN C 214 21.36 -8.79 21.59
CA ASN C 214 21.52 -10.22 21.79
C ASN C 214 20.36 -10.90 21.10
N VAL C 215 20.65 -11.66 20.05
CA VAL C 215 19.64 -12.30 19.22
C VAL C 215 19.70 -13.79 19.49
N ASN C 216 18.55 -14.39 19.79
CA ASN C 216 18.46 -15.82 20.04
C ASN C 216 17.41 -16.41 19.11
N HIS C 217 17.81 -17.42 18.34
CA HIS C 217 16.91 -18.16 17.46
C HIS C 217 17.06 -19.63 17.85
N LYS C 218 16.27 -20.07 18.81
CA LYS C 218 16.42 -21.42 19.32
C LYS C 218 16.22 -22.50 18.26
N PRO C 219 15.28 -22.38 17.32
CA PRO C 219 15.12 -23.45 16.32
C PRO C 219 16.40 -23.78 15.56
N SER C 220 17.30 -22.82 15.37
CA SER C 220 18.56 -23.06 14.68
C SER C 220 19.76 -23.05 15.61
N ASN C 221 19.54 -23.04 16.93
CA ASN C 221 20.62 -23.05 17.92
C ASN C 221 21.56 -21.86 17.70
N THR C 222 21.00 -20.73 17.30
CA THR C 222 21.78 -19.55 16.96
C THR C 222 21.64 -18.50 18.07
N LYS C 223 22.78 -18.07 18.60
CA LYS C 223 22.87 -16.91 19.48
C LYS C 223 23.90 -15.97 18.87
N VAL C 224 23.52 -14.70 18.72
CA VAL C 224 24.39 -13.69 18.12
C VAL C 224 24.39 -12.47 19.03
N ASP C 225 25.58 -11.94 19.30
CA ASP C 225 25.72 -10.68 20.01
C ASP C 225 26.39 -9.71 19.05
N LYS C 226 25.69 -8.63 18.71
CA LYS C 226 26.16 -7.70 17.69
C LYS C 226 26.34 -6.34 18.34
N LYS C 227 27.58 -5.85 18.35
CA LYS C 227 27.87 -4.51 18.83
C LYS C 227 27.45 -3.51 17.77
N VAL C 228 26.66 -2.52 18.19
CA VAL C 228 26.17 -1.47 17.29
C VAL C 228 26.86 -0.18 17.69
N GLU C 229 27.64 0.37 16.78
CA GLU C 229 28.44 1.55 17.06
C GLU C 229 28.32 2.51 15.88
N PRO C 230 28.68 3.78 16.07
CA PRO C 230 28.71 4.71 14.94
C PRO C 230 29.62 4.18 13.83
N LYS C 231 29.20 4.39 12.60
CA LYS C 231 29.98 3.92 11.45
C LYS C 231 31.23 4.76 11.28
N SER C 232 32.37 4.09 11.08
CA SER C 232 33.63 4.77 10.91
C SER C 232 33.67 5.53 9.59
N CYS C 233 34.53 6.54 9.52
CA CYS C 233 34.67 7.36 8.33
C CYS C 233 35.79 6.83 7.45
N ASP D 1 -23.47 -18.34 3.45
CA ASP D 1 -22.72 -17.97 4.69
C ASP D 1 -23.21 -16.62 5.23
N ILE D 2 -23.06 -16.42 6.53
CA ILE D 2 -23.49 -15.19 7.19
C ILE D 2 -22.25 -14.33 7.44
N GLN D 3 -22.26 -13.11 6.90
CA GLN D 3 -21.16 -12.17 7.08
C GLN D 3 -21.41 -11.33 8.33
N MET D 4 -20.40 -11.27 9.19
CA MET D 4 -20.44 -10.46 10.40
C MET D 4 -19.50 -9.28 10.22
N THR D 5 -20.03 -8.07 10.42
CA THR D 5 -19.26 -6.85 10.27
C THR D 5 -19.30 -6.07 11.58
N GLN D 6 -18.12 -5.73 12.10
CA GLN D 6 -18.01 -4.98 13.33
C GLN D 6 -17.58 -3.55 13.03
N SER D 7 -18.10 -2.61 13.82
CA SER D 7 -17.75 -1.20 13.68
C SER D 7 -17.60 -0.58 15.06
N PRO D 8 -16.56 0.25 15.26
CA PRO D 8 -15.46 0.56 14.35
C PRO D 8 -14.40 -0.55 14.39
N SER D 9 -13.40 -0.48 13.52
CA SER D 9 -12.30 -1.45 13.59
C SER D 9 -11.38 -1.14 14.76
N SER D 10 -11.29 0.13 15.16
CA SER D 10 -10.49 0.53 16.30
C SER D 10 -11.24 1.61 17.05
N LEU D 11 -11.10 1.62 18.37
CA LEU D 11 -11.81 2.54 19.23
C LEU D 11 -10.87 3.01 20.33
N SER D 12 -10.80 4.33 20.49
CA SER D 12 -9.98 4.95 21.52
C SER D 12 -10.83 5.30 22.73
N ALA D 13 -10.37 4.96 23.94
CA ALA D 13 -11.13 5.22 25.14
C ALA D 13 -10.20 5.34 26.34
N SER D 14 -10.75 5.87 27.45
CA SER D 14 -10.00 6.04 28.69
C SER D 14 -10.65 5.22 29.80
N VAL D 15 -9.84 4.92 30.82
CA VAL D 15 -10.37 4.24 32.00
C VAL D 15 -11.53 5.05 32.57
N GLY D 16 -12.61 4.34 32.93
CA GLY D 16 -13.80 4.98 33.45
C GLY D 16 -14.81 5.37 32.40
N ASP D 17 -14.46 5.27 31.11
CA ASP D 17 -15.38 5.62 30.04
C ASP D 17 -16.40 4.51 29.82
N ARG D 18 -17.54 4.90 29.25
CA ARG D 18 -18.56 3.97 28.78
C ARG D 18 -18.35 3.78 27.29
N VAL D 19 -17.98 2.56 26.89
CA VAL D 19 -17.69 2.23 25.51
C VAL D 19 -18.75 1.29 24.98
N THR D 20 -19.18 1.54 23.74
CA THR D 20 -20.06 0.64 23.02
C THR D 20 -19.46 0.32 21.66
N ILE D 21 -19.50 -0.95 21.28
CA ILE D 21 -19.05 -1.40 19.97
C ILE D 21 -20.17 -2.21 19.33
N THR D 22 -20.24 -2.15 18.01
CA THR D 22 -21.36 -2.70 17.26
C THR D 22 -20.94 -3.87 16.39
N CYS D 23 -21.91 -4.73 16.10
CA CYS D 23 -21.77 -5.90 15.25
C CYS D 23 -23.02 -6.01 14.40
N ARG D 24 -22.86 -6.29 13.11
CA ARG D 24 -24.00 -6.44 12.23
C ARG D 24 -23.90 -7.76 11.48
N ALA D 25 -25.00 -8.50 11.44
CA ALA D 25 -25.10 -9.75 10.70
C ALA D 25 -25.73 -9.47 9.34
N SER D 26 -25.25 -10.19 8.33
CA SER D 26 -25.77 -10.00 6.98
C SER D 26 -27.20 -10.54 6.82
N GLN D 27 -27.65 -11.37 7.76
CA GLN D 27 -29.04 -11.83 7.76
C GLN D 27 -29.45 -12.07 9.21
N ARG D 28 -30.77 -12.19 9.41
CA ARG D 28 -31.31 -12.33 10.75
C ARG D 28 -30.75 -13.57 11.44
N ILE D 29 -30.29 -13.35 12.66
CA ILE D 29 -29.89 -14.44 13.51
C ILE D 29 -30.56 -14.35 14.86
N ARG D 30 -31.56 -13.49 15.00
CA ARG D 30 -32.32 -13.48 16.22
C ARG D 30 -31.39 -13.05 17.35
N ASN D 31 -31.14 -13.90 18.34
CA ASN D 31 -30.16 -13.62 19.33
C ASN D 31 -29.02 -14.65 19.47
N TYR D 32 -28.74 -15.49 18.49
CA TYR D 32 -27.63 -16.43 18.62
C TYR D 32 -26.31 -15.73 18.23
N LEU D 33 -25.91 -14.85 19.10
CA LEU D 33 -24.79 -13.95 18.85
C LEU D 33 -23.94 -13.92 20.12
N ASN D 34 -22.65 -14.22 19.97
CA ASN D 34 -21.74 -14.31 21.11
C ASN D 34 -20.61 -13.30 20.95
N TRP D 35 -20.08 -12.85 22.09
CA TRP D 35 -18.98 -11.90 22.12
C TRP D 35 -17.78 -12.52 22.85
N TYR D 36 -16.59 -12.29 22.28
CA TYR D 36 -15.35 -12.79 22.84
C TYR D 36 -14.35 -11.66 23.02
N GLN D 37 -13.50 -11.81 24.04
CA GLN D 37 -12.37 -10.93 24.28
C GLN D 37 -11.08 -11.69 23.96
N GLN D 38 -10.13 -11.02 23.32
CA GLN D 38 -8.82 -11.63 23.09
C GLN D 38 -7.73 -10.57 23.27
N LYS D 39 -6.69 -10.96 23.98
CA LYS D 39 -5.50 -10.14 24.13
C LYS D 39 -4.32 -10.79 23.40
N PRO D 40 -3.30 -10.01 23.03
CA PRO D 40 -2.22 -10.56 22.19
C PRO D 40 -1.57 -11.78 22.84
N GLY D 41 -1.41 -12.84 22.04
CA GLY D 41 -0.76 -14.04 22.48
C GLY D 41 -1.59 -14.95 23.36
N ARG D 42 -2.85 -14.61 23.62
CA ARG D 42 -3.70 -15.37 24.51
C ARG D 42 -4.96 -15.83 23.78
N ALA D 43 -5.61 -16.82 24.37
CA ALA D 43 -6.79 -17.39 23.76
C ALA D 43 -8.01 -16.49 24.00
N PRO D 44 -9.00 -16.55 23.10
CA PRO D 44 -10.22 -15.79 23.33
C PRO D 44 -10.95 -16.25 24.58
N LYS D 45 -11.71 -15.33 25.17
CA LYS D 45 -12.56 -15.59 26.33
C LYS D 45 -14.00 -15.22 25.99
N LEU D 46 -14.93 -16.11 26.33
CA LEU D 46 -16.35 -15.82 26.14
C LEU D 46 -16.81 -14.79 27.16
N LEU D 47 -17.48 -13.73 26.67
CA LEU D 47 -18.03 -12.67 27.51
C LEU D 47 -19.54 -12.72 27.59
N ILE D 48 -20.20 -12.78 26.44
CA ILE D 48 -21.64 -12.72 26.32
C ILE D 48 -22.08 -13.82 25.37
N TYR D 49 -23.12 -14.55 25.74
CA TYR D 49 -23.73 -15.52 24.84
C TYR D 49 -25.22 -15.19 24.68
N THR D 50 -25.77 -15.65 23.55
CA THR D 50 -27.15 -15.37 23.18
C THR D 50 -27.47 -13.89 23.30
N ALA D 51 -26.54 -13.07 22.79
CA ALA D 51 -26.74 -11.64 22.58
C ALA D 51 -26.64 -10.82 23.87
N SER D 52 -27.17 -11.34 24.99
CA SER D 52 -27.30 -10.52 26.18
C SER D 52 -27.03 -11.25 27.50
N LYS D 53 -26.61 -12.51 27.48
CA LYS D 53 -26.40 -13.25 28.71
C LYS D 53 -24.92 -13.20 29.11
N LEU D 54 -24.68 -12.77 30.35
CA LEU D 54 -23.31 -12.61 30.84
C LEU D 54 -22.73 -13.96 31.25
N GLN D 55 -21.57 -14.29 30.69
CA GLN D 55 -20.90 -15.53 31.04
C GLN D 55 -20.43 -15.50 32.49
N GLY D 56 -20.56 -16.65 33.15
CA GLY D 56 -20.17 -16.72 34.54
C GLY D 56 -18.72 -16.32 34.73
N GLY D 57 -18.45 -15.55 35.79
CA GLY D 57 -17.12 -15.10 36.10
C GLY D 57 -16.71 -13.83 35.39
N VAL D 58 -17.48 -13.38 34.41
CA VAL D 58 -17.15 -12.16 33.68
C VAL D 58 -17.67 -10.97 34.47
N PRO D 59 -16.89 -9.89 34.61
CA PRO D 59 -17.36 -8.74 35.41
C PRO D 59 -18.67 -8.17 34.89
N SER D 60 -19.51 -7.72 35.83
CA SER D 60 -20.83 -7.22 35.46
C SER D 60 -20.78 -5.91 34.68
N ARG D 61 -19.62 -5.27 34.55
CA ARG D 61 -19.56 -4.07 33.73
C ARG D 61 -19.73 -4.37 32.24
N PHE D 62 -19.65 -5.64 31.84
CA PHE D 62 -19.93 -6.05 30.47
C PHE D 62 -21.40 -6.39 30.30
N SER D 63 -21.98 -5.92 29.21
CA SER D 63 -23.34 -6.28 28.85
C SER D 63 -23.47 -6.28 27.34
N GLY D 64 -24.45 -7.02 26.85
CA GLY D 64 -24.72 -7.08 25.43
C GLY D 64 -26.21 -6.87 25.18
N SER D 65 -26.50 -6.31 24.01
CA SER D 65 -27.88 -5.98 23.66
C SER D 65 -28.08 -6.19 22.17
N GLY D 66 -29.34 -6.33 21.78
CA GLY D 66 -29.73 -6.35 20.38
C GLY D 66 -30.44 -7.63 20.00
N SER D 67 -31.05 -7.59 18.82
CA SER D 67 -31.75 -8.72 18.25
C SER D 67 -31.93 -8.46 16.76
N GLY D 68 -32.03 -9.55 16.00
CA GLY D 68 -32.16 -9.45 14.56
C GLY D 68 -30.81 -9.45 13.86
N THR D 69 -30.35 -8.26 13.42
CA THR D 69 -29.07 -8.14 12.76
C THR D 69 -28.11 -7.18 13.44
N ASP D 70 -28.58 -6.35 14.37
CA ASP D 70 -27.77 -5.29 14.97
C ASP D 70 -27.55 -5.61 16.44
N PHE D 71 -26.28 -5.71 16.84
CA PHE D 71 -25.93 -6.08 18.20
C PHE D 71 -24.87 -5.13 18.73
N THR D 72 -24.81 -5.01 20.05
CA THR D 72 -23.86 -4.12 20.71
C THR D 72 -23.30 -4.79 21.95
N LEU D 73 -22.02 -4.50 22.20
CA LEU D 73 -21.37 -4.83 23.47
C LEU D 73 -21.03 -3.52 24.16
N THR D 74 -21.40 -3.41 25.43
CA THR D 74 -21.15 -2.21 26.21
C THR D 74 -20.27 -2.54 27.41
N ILE D 75 -19.26 -1.73 27.60
CA ILE D 75 -18.47 -1.78 28.79
C ILE D 75 -18.72 -0.48 29.55
N ASN D 76 -19.18 -0.62 30.77
CA ASN D 76 -19.52 0.52 31.55
C ASN D 76 -18.44 0.70 32.54
N SER D 77 -17.77 1.82 32.51
CA SER D 77 -16.59 1.99 33.31
C SER D 77 -15.43 1.06 32.96
N LEU D 78 -14.88 1.37 31.81
CA LEU D 78 -13.69 0.71 31.27
C LEU D 78 -12.59 0.64 32.31
N GLN D 79 -12.01 -0.54 32.44
CA GLN D 79 -10.89 -0.76 33.36
C GLN D 79 -9.63 -1.08 32.56
N PRO D 80 -8.45 -0.91 33.17
CA PRO D 80 -7.21 -1.18 32.42
C PRO D 80 -7.17 -2.53 31.72
N GLU D 81 -7.69 -3.57 32.36
CA GLU D 81 -7.64 -4.91 31.79
C GLU D 81 -8.61 -5.12 30.63
N ASP D 82 -9.43 -4.12 30.31
CA ASP D 82 -10.42 -4.23 29.24
C ASP D 82 -9.88 -3.82 27.87
N PHE D 83 -8.72 -3.19 27.81
CA PHE D 83 -8.14 -2.83 26.53
C PHE D 83 -7.69 -4.12 25.83
N ALA D 84 -8.31 -4.42 24.70
CA ALA D 84 -8.17 -5.72 24.05
C ALA D 84 -8.93 -5.65 22.73
N THR D 85 -8.94 -6.76 22.00
CA THR D 85 -9.74 -6.91 20.79
C THR D 85 -10.98 -7.73 21.14
N TYR D 86 -12.10 -7.34 20.54
CA TYR D 86 -13.39 -7.96 20.80
C TYR D 86 -13.97 -8.46 19.48
N TYR D 87 -14.45 -9.71 19.50
CA TYR D 87 -15.05 -10.36 18.35
C TYR D 87 -16.50 -10.73 18.65
N CYS D 88 -17.37 -10.53 17.67
CA CYS D 88 -18.69 -11.13 17.70
C CYS D 88 -18.69 -12.38 16.83
N GLN D 89 -19.64 -13.27 17.10
CA GLN D 89 -19.73 -14.55 16.41
C GLN D 89 -21.18 -14.99 16.37
N GLN D 90 -21.72 -15.23 15.17
CA GLN D 90 -23.04 -15.83 15.07
C GLN D 90 -22.91 -17.34 15.23
N SER D 91 -23.85 -17.92 15.97
CA SER D 91 -23.85 -19.36 16.25
C SER D 91 -25.18 -19.98 15.86
N HIS D 92 -25.86 -19.43 14.86
CA HIS D 92 -27.14 -19.98 14.42
C HIS D 92 -26.98 -21.10 13.40
N GLU D 93 -25.93 -21.06 12.58
CA GLU D 93 -25.74 -22.08 11.56
C GLU D 93 -24.26 -22.17 11.22
N THR D 94 -23.90 -23.28 10.57
CA THR D 94 -22.53 -23.47 10.10
C THR D 94 -22.42 -22.95 8.66
N PRO D 95 -21.25 -22.41 8.29
CA PRO D 95 -20.07 -22.23 9.15
C PRO D 95 -20.29 -21.16 10.21
N LEU D 96 -19.78 -21.42 11.41
CA LEU D 96 -19.70 -20.38 12.42
C LEU D 96 -18.81 -19.27 11.89
N THR D 97 -19.28 -18.02 11.98
CA THR D 97 -18.56 -16.91 11.40
C THR D 97 -18.41 -15.79 12.41
N PHE D 98 -17.25 -15.12 12.36
CA PHE D 98 -16.88 -14.07 13.29
C PHE D 98 -16.79 -12.74 12.56
N GLY D 99 -17.01 -11.66 13.32
CA GLY D 99 -16.66 -10.35 12.84
C GLY D 99 -15.15 -10.19 12.80
N GLN D 100 -14.70 -9.13 12.12
CA GLN D 100 -13.28 -8.90 11.93
C GLN D 100 -12.58 -8.43 13.20
N GLY D 101 -13.32 -8.06 14.22
CA GLY D 101 -12.76 -7.63 15.49
C GLY D 101 -12.73 -6.12 15.62
N THR D 102 -12.89 -5.65 16.86
CA THR D 102 -12.75 -4.24 17.21
C THR D 102 -11.73 -4.14 18.34
N LYS D 103 -10.68 -3.37 18.11
CA LYS D 103 -9.64 -3.17 19.11
C LYS D 103 -9.92 -1.90 19.91
N ILE D 104 -9.95 -2.03 21.23
CA ILE D 104 -10.10 -0.89 22.12
C ILE D 104 -8.73 -0.54 22.65
N GLU D 105 -8.23 0.63 22.29
CA GLU D 105 -6.90 1.09 22.68
C GLU D 105 -7.01 2.28 23.64
N VAL D 106 -5.91 2.58 24.30
CA VAL D 106 -5.87 3.64 25.31
C VAL D 106 -5.78 4.99 24.63
N ARG D 107 -6.69 5.90 25.00
CA ARG D 107 -6.66 7.25 24.46
C ARG D 107 -5.55 8.04 25.13
N ARG D 108 -4.86 8.84 24.32
CA ARG D 108 -3.87 9.78 24.80
C ARG D 108 -3.81 10.92 23.79
N THR D 109 -2.98 11.92 24.08
CA THR D 109 -2.85 13.07 23.21
C THR D 109 -2.09 12.72 21.93
N VAL D 110 -2.36 13.48 20.88
CA VAL D 110 -1.60 13.35 19.64
C VAL D 110 -0.13 13.59 19.94
N ALA D 111 0.72 12.72 19.41
CA ALA D 111 2.17 12.84 19.58
C ALA D 111 2.82 12.51 18.24
N ALA D 112 3.63 13.43 17.73
CA ALA D 112 4.29 13.22 16.46
C ALA D 112 5.44 12.21 16.61
N PRO D 113 5.71 11.43 15.58
CA PRO D 113 6.84 10.50 15.66
C PRO D 113 8.17 11.22 15.55
N SER D 114 9.16 10.65 16.23
CA SER D 114 10.56 10.94 15.92
C SER D 114 11.00 9.98 14.83
N VAL D 115 11.57 10.52 13.76
CA VAL D 115 11.86 9.75 12.55
C VAL D 115 13.37 9.57 12.41
N PHE D 116 13.78 8.34 12.09
CA PHE D 116 15.17 8.00 11.88
C PHE D 116 15.29 7.11 10.66
N ILE D 117 16.33 7.34 9.85
CA ILE D 117 16.58 6.50 8.69
C ILE D 117 17.93 5.81 8.87
N PHE D 118 18.00 4.56 8.45
CA PHE D 118 19.20 3.76 8.61
C PHE D 118 19.64 3.18 7.27
N PRO D 119 20.86 3.45 6.81
CA PRO D 119 21.33 2.82 5.57
C PRO D 119 21.65 1.36 5.79
N PRO D 120 21.77 0.59 4.72
CA PRO D 120 22.24 -0.79 4.87
C PRO D 120 23.69 -0.81 5.32
N SER D 121 24.02 -1.83 6.11
CA SER D 121 25.39 -2.01 6.56
C SER D 121 26.24 -2.53 5.39
N ASP D 122 27.54 -2.21 5.44
CA ASP D 122 28.46 -2.76 4.45
C ASP D 122 28.42 -4.28 4.47
N GLU D 123 28.25 -4.87 5.65
CA GLU D 123 28.21 -6.33 5.75
C GLU D 123 27.03 -6.91 4.96
N GLN D 124 25.86 -6.29 5.05
CA GLN D 124 24.70 -6.86 4.37
C GLN D 124 24.87 -6.86 2.85
N LEU D 125 25.52 -5.82 2.30
CA LEU D 125 25.59 -5.72 0.85
C LEU D 125 26.28 -6.92 0.22
N LYS D 126 27.13 -7.61 0.99
CA LYS D 126 27.81 -8.80 0.47
C LYS D 126 26.84 -9.92 0.15
N SER D 127 25.61 -9.85 0.68
CA SER D 127 24.60 -10.86 0.41
C SER D 127 23.85 -10.61 -0.89
N GLY D 128 24.10 -9.49 -1.56
CA GLY D 128 23.41 -9.15 -2.79
C GLY D 128 22.12 -8.39 -2.59
N THR D 129 21.76 -8.07 -1.35
CA THR D 129 20.52 -7.38 -1.02
C THR D 129 20.83 -6.26 -0.04
N ALA D 130 20.05 -5.18 -0.15
CA ALA D 130 20.18 -4.02 0.71
C ALA D 130 18.84 -3.74 1.37
N SER D 131 18.87 -3.53 2.68
CA SER D 131 17.69 -3.15 3.45
C SER D 131 17.89 -1.74 3.98
N VAL D 132 16.92 -0.85 3.69
CA VAL D 132 16.91 0.51 4.21
C VAL D 132 15.72 0.62 5.16
N VAL D 133 15.98 1.10 6.38
CA VAL D 133 14.99 1.05 7.45
C VAL D 133 14.63 2.47 7.86
N CYS D 134 13.33 2.72 7.99
CA CYS D 134 12.81 3.97 8.51
C CYS D 134 12.05 3.67 9.80
N LEU D 135 12.40 4.39 10.86
CA LEU D 135 11.80 4.20 12.17
C LEU D 135 10.94 5.41 12.50
N LEU D 136 9.68 5.15 12.89
CA LEU D 136 8.80 6.14 13.50
C LEU D 136 8.63 5.75 14.96
N ASN D 137 9.14 6.59 15.86
CA ASN D 137 9.26 6.24 17.26
C ASN D 137 8.25 7.02 18.10
N ASN D 138 7.43 6.28 18.87
CA ASN D 138 6.60 6.82 19.95
C ASN D 138 5.66 7.92 19.46
N PHE D 139 4.67 7.50 18.66
CA PHE D 139 3.70 8.42 18.11
C PHE D 139 2.28 7.97 18.41
N TYR D 140 1.34 8.89 18.24
CA TYR D 140 -0.07 8.63 18.42
C TYR D 140 -0.86 9.69 17.65
N PRO D 141 -1.95 9.30 16.95
CA PRO D 141 -2.52 7.96 16.82
C PRO D 141 -1.71 7.01 15.93
N ARG D 142 -2.21 5.78 15.79
CA ARG D 142 -1.47 4.76 15.05
CA ARG D 142 -1.51 4.74 15.05
C ARG D 142 -1.40 5.08 13.57
N GLU D 143 -2.40 5.75 13.01
CA GLU D 143 -2.44 5.99 11.57
C GLU D 143 -1.26 6.87 11.13
N ALA D 144 -0.55 6.41 10.11
CA ALA D 144 0.59 7.14 9.56
C ALA D 144 0.84 6.68 8.13
N LYS D 145 1.43 7.57 7.34
CA LYS D 145 1.82 7.26 5.97
C LYS D 145 3.32 7.42 5.85
N VAL D 146 3.98 6.37 5.35
CA VAL D 146 5.42 6.38 5.16
C VAL D 146 5.68 6.09 3.69
N GLN D 147 6.39 7.00 3.03
CA GLN D 147 6.71 6.86 1.62
C GLN D 147 8.21 6.88 1.43
N TRP D 148 8.70 5.95 0.60
CA TRP D 148 10.10 5.88 0.26
C TRP D 148 10.36 6.60 -1.07
N LYS D 149 11.45 7.35 -1.11
CA LYS D 149 11.88 8.01 -2.34
C LYS D 149 13.37 7.77 -2.53
N VAL D 150 13.73 7.31 -3.72
CA VAL D 150 15.11 7.05 -4.09
C VAL D 150 15.47 8.00 -5.22
N ASP D 151 16.40 8.92 -4.97
CA ASP D 151 16.69 10.00 -5.90
C ASP D 151 15.40 10.74 -6.28
N ASN D 152 14.53 10.92 -5.29
CA ASN D 152 13.28 11.66 -5.40
C ASN D 152 12.21 10.89 -6.18
N ALA D 153 12.41 9.60 -6.42
CA ALA D 153 11.43 8.79 -7.14
C ALA D 153 10.66 7.95 -6.12
N LEU D 154 9.34 8.10 -6.11
CA LEU D 154 8.50 7.39 -5.16
C LEU D 154 8.58 5.89 -5.40
N GLN D 155 8.80 5.12 -4.33
CA GLN D 155 8.89 3.68 -4.39
C GLN D 155 7.54 3.04 -4.09
N SER D 156 7.26 1.94 -4.78
CA SER D 156 5.99 1.22 -4.61
C SER D 156 6.24 -0.27 -4.72
N GLY D 157 5.72 -1.03 -3.75
CA GLY D 157 5.72 -2.47 -3.81
C GLY D 157 6.97 -3.15 -3.28
N ASN D 158 7.97 -2.39 -2.81
CA ASN D 158 9.23 -2.97 -2.35
C ASN D 158 9.51 -2.65 -0.89
N SER D 159 8.46 -2.42 -0.10
CA SER D 159 8.63 -2.12 1.32
C SER D 159 7.58 -2.86 2.14
N GLN D 160 7.94 -3.17 3.38
CA GLN D 160 7.04 -3.79 4.34
C GLN D 160 7.08 -3.02 5.65
N GLU D 161 5.92 -2.90 6.29
CA GLU D 161 5.79 -2.17 7.54
C GLU D 161 5.50 -3.13 8.70
N SER D 162 5.95 -2.75 9.89
CA SER D 162 5.64 -3.47 11.11
C SER D 162 5.39 -2.45 12.21
N VAL D 163 4.45 -2.76 13.11
CA VAL D 163 4.06 -1.83 14.14
C VAL D 163 3.99 -2.55 15.48
N THR D 164 4.44 -1.87 16.53
CA THR D 164 4.38 -2.45 17.86
C THR D 164 2.98 -2.35 18.44
N GLU D 165 2.72 -3.14 19.46
CA GLU D 165 1.53 -2.93 20.26
C GLU D 165 1.67 -1.65 21.05
N GLN D 166 0.54 -1.09 21.43
CA GLN D 166 0.54 0.17 22.17
C GLN D 166 1.38 0.03 23.43
N ASP D 167 2.22 1.03 23.69
CA ASP D 167 3.14 0.96 24.81
C ASP D 167 2.39 1.05 26.13
N SER D 168 2.74 0.18 27.07
CA SER D 168 2.02 0.13 28.34
C SER D 168 2.30 1.34 29.21
N LYS D 169 3.39 2.06 28.95
CA LYS D 169 3.78 3.20 29.78
C LYS D 169 3.26 4.53 29.24
N ASP D 170 3.50 4.82 27.96
CA ASP D 170 3.10 6.10 27.37
C ASP D 170 2.03 5.95 26.30
N SER D 171 1.53 4.74 26.05
CA SER D 171 0.39 4.51 25.16
C SER D 171 0.66 4.95 23.72
N THR D 172 1.93 5.01 23.30
CA THR D 172 2.27 5.35 21.94
C THR D 172 2.51 4.08 21.12
N TYR D 173 2.66 4.27 19.81
CA TYR D 173 3.03 3.24 18.88
C TYR D 173 4.39 3.56 18.28
N SER D 174 5.06 2.52 17.79
CA SER D 174 6.27 2.70 16.99
C SER D 174 6.15 1.85 15.75
N LEU D 175 6.79 2.29 14.68
CA LEU D 175 6.62 1.68 13.37
C LEU D 175 7.94 1.64 12.64
N SER D 176 8.15 0.55 11.91
CA SER D 176 9.29 0.43 11.02
C SER D 176 8.77 0.22 9.61
N SER D 177 9.43 0.86 8.66
CA SER D 177 9.23 0.57 7.25
C SER D 177 10.59 0.16 6.68
N THR D 178 10.62 -0.97 6.00
CA THR D 178 11.87 -1.52 5.47
C THR D 178 11.77 -1.61 3.96
N LEU D 179 12.67 -0.91 3.29
CA LEU D 179 12.80 -0.93 1.84
C LEU D 179 13.87 -1.94 1.46
N THR D 180 13.53 -2.90 0.61
CA THR D 180 14.44 -3.96 0.20
C THR D 180 14.76 -3.80 -1.28
N LEU D 181 16.04 -3.67 -1.60
CA LEU D 181 16.51 -3.53 -2.96
C LEU D 181 17.64 -4.52 -3.22
N SER D 182 17.81 -4.87 -4.48
CA SER D 182 19.01 -5.61 -4.86
C SER D 182 20.23 -4.71 -4.67
N LYS D 183 21.38 -5.34 -4.47
CA LYS D 183 22.63 -4.59 -4.40
C LYS D 183 22.79 -3.70 -5.63
N ALA D 184 22.51 -4.24 -6.82
CA ALA D 184 22.69 -3.47 -8.05
C ALA D 184 21.79 -2.24 -8.06
N ASP D 185 20.52 -2.40 -7.71
CA ASP D 185 19.60 -1.28 -7.66
C ASP D 185 20.01 -0.24 -6.62
N TYR D 186 20.38 -0.70 -5.42
CA TYR D 186 20.77 0.23 -4.37
C TYR D 186 21.94 1.09 -4.80
N GLU D 187 22.96 0.48 -5.41
CA GLU D 187 24.17 1.18 -5.79
C GLU D 187 24.02 2.00 -7.05
N LYS D 188 22.84 1.98 -7.69
CA LYS D 188 22.58 2.84 -8.84
C LYS D 188 22.18 4.25 -8.44
N HIS D 189 21.76 4.47 -7.19
CA HIS D 189 21.15 5.74 -6.79
C HIS D 189 21.89 6.32 -5.59
N LYS D 190 21.64 7.61 -5.35
CA LYS D 190 22.36 8.37 -4.34
C LYS D 190 21.51 8.73 -3.14
N VAL D 191 20.36 9.37 -3.34
CA VAL D 191 19.57 9.95 -2.26
C VAL D 191 18.50 8.96 -1.85
N TYR D 192 18.52 8.56 -0.59
CA TYR D 192 17.48 7.70 -0.02
C TYR D 192 16.76 8.47 1.07
N ALA D 193 15.44 8.55 0.96
CA ALA D 193 14.66 9.40 1.83
C ALA D 193 13.40 8.67 2.29
N CYS D 194 13.07 8.89 3.56
CA CYS D 194 11.82 8.40 4.15
C CYS D 194 10.98 9.60 4.52
N GLU D 195 9.79 9.69 3.93
CA GLU D 195 8.86 10.79 4.15
C GLU D 195 7.70 10.31 5.01
N VAL D 196 7.45 11.01 6.11
CA VAL D 196 6.46 10.61 7.10
C VAL D 196 5.38 11.67 7.18
N THR D 197 4.14 11.25 7.00
CA THR D 197 2.96 12.10 7.19
C THR D 197 2.19 11.56 8.38
N HIS D 198 1.88 12.45 9.34
CA HIS D 198 1.20 12.05 10.56
C HIS D 198 0.42 13.24 11.10
N GLN D 199 -0.67 12.94 11.81
CA GLN D 199 -1.54 14.00 12.33
C GLN D 199 -0.79 14.95 13.26
N GLY D 200 0.20 14.46 13.99
CA GLY D 200 0.98 15.28 14.89
C GLY D 200 1.99 16.19 14.20
N LEU D 201 2.16 16.06 12.89
CA LEU D 201 3.10 16.87 12.13
C LEU D 201 2.34 17.89 11.31
N SER D 202 2.71 19.16 11.46
CA SER D 202 2.09 20.21 10.64
C SER D 202 2.48 20.06 9.18
N SER D 203 3.65 19.50 8.92
CA SER D 203 4.13 19.25 7.56
C SER D 203 4.87 17.92 7.55
N PRO D 204 4.83 17.18 6.44
CA PRO D 204 5.54 15.89 6.41
C PRO D 204 7.03 16.06 6.70
N VAL D 205 7.58 15.11 7.45
CA VAL D 205 9.00 15.12 7.80
C VAL D 205 9.74 14.12 6.91
N THR D 206 10.92 14.52 6.46
CA THR D 206 11.76 13.67 5.62
C THR D 206 13.12 13.50 6.28
N LYS D 207 13.56 12.26 6.40
CA LYS D 207 14.92 11.93 6.80
C LYS D 207 15.59 11.22 5.63
N SER D 208 16.85 11.58 5.36
CA SER D 208 17.51 11.03 4.19
C SER D 208 19.00 10.88 4.47
N PHE D 209 19.66 10.16 3.58
CA PHE D 209 21.11 10.05 3.59
C PHE D 209 21.58 9.94 2.14
N ASN D 210 22.86 10.24 1.92
CA ASN D 210 23.48 10.08 0.62
C ASN D 210 24.37 8.84 0.67
N ARG D 211 24.10 7.88 -0.21
CA ARG D 211 24.88 6.65 -0.23
C ARG D 211 26.36 6.96 -0.38
N GLY D 212 27.17 6.41 0.53
CA GLY D 212 28.60 6.55 0.49
C GLY D 212 29.18 7.68 1.32
N GLU D 213 28.35 8.60 1.79
CA GLU D 213 28.82 9.82 2.45
C GLU D 213 28.82 9.62 3.96
N CYS D 214 29.98 9.82 4.59
CA CYS D 214 30.15 9.61 6.02
C CYS D 214 29.38 10.65 6.84
#